data_3W67
#
_entry.id   3W67
#
_cell.length_a   58.285
_cell.length_b   69.665
_cell.length_c   87.183
_cell.angle_alpha   100.24
_cell.angle_beta   109.72
_cell.angle_gamma   100.46
#
_symmetry.space_group_name_H-M   'P 1'
#
loop_
_entity.id
_entity.type
_entity.pdbx_description
1 polymer 'Alpha-tocopherol transfer protein'
2 non-polymer (2R)-2,5,7,8-TETRAMETHYL-2-[(4R,8R)-4,8,12-TRIMETHYLTRIDECYL]CHROMAN-6-OL
3 non-polymer '(2R)-3-{[(S)-hydroxy{[(1S,2R,3R,4S,5S,6S)-2,3,6-trihydroxy-4,5-bis(phosphonooxy)cyclohexyl]oxy}phosphoryl]oxy}propane-1,2-diyl dibutanoate'
4 water water
#
_entity_poly.entity_id   1
_entity_poly.type   'polypeptide(L)'
_entity_poly.pdbx_seq_one_letter_code
;GPLGSPEFSPLLQPGLAELRRRVQEAGVPQTPQPLTDAFLLRFLRARDFDLDLAWRLMKNYYKWRAECPELSADLRPRSI
LGLLKAGYHGVLRSRDSTGSRVLIYRIAYWDPKVFTAYDVFRVSLITSELIVQEVETQRNGVKAIFDLEGWQVSHAFQIT
PSVAKKIAAVLTDSFPLKVRGIHLINEPVIFHAVFSMIKPFLTEKIKDRIHLHGNNYKSSMLQHFPDILPREYGGKEFSM
EDICQEWTNFIMKSEDYLSSISETIQ
;
_entity_poly.pdbx_strand_id   A,B,C,D
#
loop_
_chem_comp.id
_chem_comp.type
_chem_comp.name
_chem_comp.formula
3PT non-polymer '(2R)-3-{[(S)-hydroxy{[(1S,2R,3R,4S,5S,6S)-2,3,6-trihydroxy-4,5-bis(phosphonooxy)cyclohexyl]oxy}phosphoryl]oxy}propane-1,2-diyl dibutanoate' 'C17 H33 O19 P3'
VIV non-polymer (2R)-2,5,7,8-TETRAMETHYL-2-[(4R,8R)-4,8,12-TRIMETHYLTRIDECYL]CHROMAN-6-OL 'C29 H50 O2'
#
# COMPACT_ATOMS: atom_id res chain seq x y z
N GLN A 13 -12.34 21.11 -46.53
CA GLN A 13 -12.49 21.06 -45.05
C GLN A 13 -11.69 22.16 -44.37
N PRO A 14 -12.27 22.76 -43.31
CA PRO A 14 -11.61 23.89 -42.65
C PRO A 14 -10.26 23.47 -42.10
N GLY A 15 -9.19 24.17 -42.47
CA GLY A 15 -7.86 23.91 -41.95
C GLY A 15 -7.02 22.81 -42.59
N LEU A 16 -7.59 22.07 -43.52
CA LEU A 16 -6.82 21.06 -44.23
C LEU A 16 -5.66 21.66 -45.02
N ALA A 17 -5.90 22.76 -45.73
CA ALA A 17 -4.81 23.43 -46.45
C ALA A 17 -3.76 24.03 -45.50
N GLU A 18 -4.18 24.55 -44.35
CA GLU A 18 -3.21 25.04 -43.37
C GLU A 18 -2.35 23.92 -42.76
N LEU A 19 -2.99 22.81 -42.40
CA LEU A 19 -2.33 21.69 -41.78
C LEU A 19 -1.32 21.10 -42.74
N ARG A 20 -1.70 21.02 -44.01
CA ARG A 20 -0.80 20.64 -45.08
C ARG A 20 0.49 21.47 -45.03
N ARG A 21 0.36 22.77 -44.79
CA ARG A 21 1.54 23.64 -44.79
C ARG A 21 2.35 23.37 -43.53
N ARG A 22 1.69 23.36 -42.37
CA ARG A 22 2.37 23.19 -41.09
C ARG A 22 3.22 21.93 -41.08
N VAL A 23 2.61 20.84 -41.53
CA VAL A 23 3.26 19.56 -41.70
C VAL A 23 4.56 19.64 -42.51
N GLN A 24 4.56 20.41 -43.60
CA GLN A 24 5.77 20.57 -44.39
C GLN A 24 6.79 21.43 -43.65
N GLU A 25 6.36 22.61 -43.22
CA GLU A 25 7.22 23.58 -42.55
C GLU A 25 7.93 23.03 -41.31
N ALA A 26 7.24 22.16 -40.57
CA ALA A 26 7.79 21.61 -39.33
C ALA A 26 8.69 20.37 -39.54
N GLY A 27 8.57 19.72 -40.70
CA GLY A 27 9.37 18.55 -41.00
C GLY A 27 9.01 17.33 -40.14
N VAL A 28 7.72 16.99 -40.17
CA VAL A 28 7.16 15.83 -39.49
C VAL A 28 7.58 14.55 -40.24
N PRO A 29 7.97 13.47 -39.50
CA PRO A 29 8.37 12.23 -40.17
C PRO A 29 7.42 11.90 -41.32
N GLN A 30 7.97 11.83 -42.52
CA GLN A 30 7.18 11.61 -43.74
C GLN A 30 6.82 10.13 -43.87
N THR A 31 7.63 9.29 -43.21
CA THR A 31 7.37 7.86 -43.07
C THR A 31 7.29 7.48 -41.57
N PRO A 32 6.63 6.35 -41.23
CA PRO A 32 6.03 5.37 -42.12
C PRO A 32 4.62 5.73 -42.56
N GLN A 33 3.91 6.50 -41.73
CA GLN A 33 2.56 6.94 -42.06
C GLN A 33 2.63 8.08 -43.07
N PRO A 34 2.23 7.82 -44.32
CA PRO A 34 2.33 8.85 -45.36
C PRO A 34 1.32 9.95 -45.12
N LEU A 35 1.72 11.19 -45.38
CA LEU A 35 0.91 12.34 -45.01
C LEU A 35 -0.19 12.63 -46.03
N THR A 36 -1.06 11.64 -46.19
CA THR A 36 -2.25 11.73 -47.03
C THR A 36 -3.23 12.69 -46.38
N ASP A 37 -4.12 13.25 -47.19
CA ASP A 37 -5.23 14.04 -46.67
C ASP A 37 -6.08 13.25 -45.65
N ALA A 38 -6.41 12.01 -45.96
CA ALA A 38 -7.21 11.18 -45.06
C ALA A 38 -6.54 11.03 -43.70
N PHE A 39 -5.22 11.05 -43.67
CA PHE A 39 -4.47 10.96 -42.43
C PHE A 39 -4.56 12.28 -41.65
N LEU A 40 -4.34 13.40 -42.32
CA LEU A 40 -4.41 14.71 -41.66
C LEU A 40 -5.81 15.02 -41.16
N LEU A 41 -6.82 14.54 -41.88
CA LEU A 41 -8.21 14.72 -41.47
C LEU A 41 -8.58 14.06 -40.13
N ARG A 42 -7.88 13.00 -39.76
CA ARG A 42 -8.12 12.33 -38.47
C ARG A 42 -7.94 13.29 -37.33
N PHE A 43 -6.96 14.18 -37.51
CA PHE A 43 -6.59 15.12 -36.51
C PHE A 43 -7.60 16.24 -36.52
N LEU A 44 -8.07 16.60 -37.70
CA LEU A 44 -9.03 17.67 -37.79
C LEU A 44 -10.33 17.19 -37.19
N ARG A 45 -10.76 15.99 -37.57
CA ARG A 45 -12.06 15.49 -37.12
C ARG A 45 -12.07 15.28 -35.61
N ALA A 46 -10.92 14.83 -35.08
CA ALA A 46 -10.70 14.58 -33.65
C ALA A 46 -10.84 15.82 -32.77
N ARG A 47 -10.67 16.99 -33.39
CA ARG A 47 -10.84 18.22 -32.66
C ARG A 47 -11.88 19.18 -33.27
N ASP A 48 -12.87 18.60 -33.94
CA ASP A 48 -14.03 19.31 -34.48
C ASP A 48 -13.63 20.49 -35.42
N PHE A 49 -12.59 20.24 -36.22
CA PHE A 49 -12.08 21.15 -37.24
C PHE A 49 -11.54 22.45 -36.70
N ASP A 50 -11.19 22.41 -35.42
CA ASP A 50 -10.44 23.49 -34.84
C ASP A 50 -8.97 23.22 -35.19
N LEU A 51 -8.46 24.00 -36.13
CA LEU A 51 -7.09 23.90 -36.59
C LEU A 51 -6.04 23.80 -35.47
N ASP A 52 -6.08 24.75 -34.54
CA ASP A 52 -5.10 24.84 -33.46
C ASP A 52 -5.03 23.61 -32.59
N LEU A 53 -6.18 23.19 -32.10
CA LEU A 53 -6.25 22.00 -31.31
C LEU A 53 -5.79 20.78 -32.11
N ALA A 54 -6.26 20.69 -33.35
CA ALA A 54 -5.83 19.63 -34.26
C ALA A 54 -4.30 19.60 -34.43
N TRP A 55 -3.71 20.76 -34.70
CA TRP A 55 -2.26 20.87 -34.85
C TRP A 55 -1.51 20.50 -33.56
N ARG A 56 -1.97 21.00 -32.42
CA ARG A 56 -1.41 20.62 -31.14
C ARG A 56 -1.51 19.10 -30.96
N LEU A 57 -2.67 18.54 -31.31
CA LEU A 57 -2.88 17.09 -31.20
C LEU A 57 -1.89 16.28 -32.05
N MET A 58 -1.60 16.78 -33.25
CA MET A 58 -0.72 16.04 -34.15
C MET A 58 0.72 16.08 -33.65
N LYS A 59 1.12 17.19 -33.05
CA LYS A 59 2.47 17.29 -32.51
C LYS A 59 2.62 16.37 -31.29
N ASN A 60 1.57 16.30 -30.47
CA ASN A 60 1.58 15.37 -29.38
C ASN A 60 1.63 13.91 -29.84
N TYR A 61 0.90 13.60 -30.90
CA TYR A 61 0.91 12.24 -31.48
C TYR A 61 2.34 11.79 -31.75
N TYR A 62 3.09 12.65 -32.42
CA TYR A 62 4.47 12.37 -32.80
C TYR A 62 5.42 12.34 -31.61
N LYS A 63 5.18 13.20 -30.63
CA LYS A 63 6.03 13.32 -29.44
C LYS A 63 5.98 12.02 -28.63
N TRP A 64 4.75 11.54 -28.40
CA TRP A 64 4.52 10.26 -27.74
C TRP A 64 5.13 9.11 -28.57
N ARG A 65 4.92 9.14 -29.89
CA ARG A 65 5.47 8.09 -30.74
C ARG A 65 6.99 7.96 -30.60
N ALA A 66 7.67 9.08 -30.41
CA ALA A 66 9.14 9.13 -30.31
C ALA A 66 9.67 8.89 -28.88
N GLU A 67 8.81 9.00 -27.89
CA GLU A 67 9.19 8.74 -26.49
C GLU A 67 8.84 7.32 -26.07
N CYS A 68 8.05 6.64 -26.90
CA CYS A 68 7.73 5.22 -26.71
C CYS A 68 7.89 4.44 -28.02
N PRO A 69 9.13 4.35 -28.55
CA PRO A 69 9.34 3.54 -29.74
C PRO A 69 9.00 2.06 -29.50
N GLU A 70 9.22 1.59 -28.28
CA GLU A 70 8.95 0.20 -27.93
C GLU A 70 7.47 -0.09 -28.00
N LEU A 71 6.66 0.96 -28.17
CA LEU A 71 5.20 0.84 -28.33
C LEU A 71 4.68 1.30 -29.70
N SER A 72 5.31 2.30 -30.30
CA SER A 72 4.80 2.93 -31.52
C SER A 72 5.39 2.40 -32.80
N ALA A 73 6.63 1.93 -32.73
CA ALA A 73 7.42 1.53 -33.89
C ALA A 73 6.80 0.34 -34.60
N ASP A 74 6.29 -0.60 -33.83
CA ASP A 74 5.89 -1.89 -34.35
C ASP A 74 4.37 -2.17 -34.21
N LEU A 75 3.63 -2.11 -35.31
CA LEU A 75 2.20 -2.43 -35.30
C LEU A 75 1.87 -3.74 -35.99
N ARG A 76 2.91 -4.52 -36.33
CA ARG A 76 2.72 -5.83 -36.95
C ARG A 76 2.06 -6.77 -35.92
N PRO A 77 0.84 -7.28 -36.21
CA PRO A 77 0.09 -8.02 -35.18
C PRO A 77 0.65 -9.41 -34.76
N ARG A 78 1.52 -10.00 -35.56
CA ARG A 78 1.92 -11.38 -35.30
C ARG A 78 2.41 -11.62 -33.86
N SER A 79 3.22 -10.70 -33.32
CA SER A 79 3.70 -10.82 -31.94
C SER A 79 2.59 -10.96 -30.92
N ILE A 80 1.46 -10.32 -31.16
CA ILE A 80 0.38 -10.43 -30.18
C ILE A 80 -0.76 -11.36 -30.57
N LEU A 81 -0.65 -12.03 -31.71
CA LEU A 81 -1.70 -12.96 -32.18
C LEU A 81 -2.08 -14.05 -31.17
N GLY A 82 -1.11 -14.52 -30.42
CA GLY A 82 -1.42 -15.50 -29.38
C GLY A 82 -2.46 -14.91 -28.44
N LEU A 83 -2.28 -13.63 -28.12
CA LEU A 83 -3.13 -12.92 -27.18
C LEU A 83 -4.56 -12.79 -27.72
N LEU A 84 -4.69 -12.32 -28.97
CA LEU A 84 -5.98 -12.29 -29.66
C LEU A 84 -6.65 -13.66 -29.70
N LYS A 85 -5.88 -14.70 -29.98
CA LYS A 85 -6.40 -16.07 -30.03
C LYS A 85 -7.01 -16.50 -28.72
N ALA A 86 -6.36 -16.11 -27.61
CA ALA A 86 -6.79 -16.44 -26.26
C ALA A 86 -8.12 -15.78 -25.86
N GLY A 87 -8.65 -14.88 -26.71
CA GLY A 87 -9.94 -14.21 -26.47
C GLY A 87 -9.86 -12.94 -25.63
N TYR A 88 -8.72 -12.27 -25.70
CA TYR A 88 -8.54 -11.03 -24.94
C TYR A 88 -9.31 -9.80 -25.45
N HIS A 89 -9.57 -9.70 -26.76
CA HIS A 89 -10.04 -8.43 -27.33
C HIS A 89 -11.02 -8.66 -28.43
N GLY A 90 -12.04 -7.82 -28.48
CA GLY A 90 -12.99 -7.88 -29.56
C GLY A 90 -13.68 -6.55 -29.70
N VAL A 91 -14.29 -6.32 -30.85
CA VAL A 91 -15.03 -5.12 -31.14
C VAL A 91 -16.46 -5.48 -31.57
N LEU A 92 -17.46 -4.86 -30.98
CA LEU A 92 -18.85 -5.12 -31.33
C LEU A 92 -19.17 -4.78 -32.79
N ARG A 93 -20.01 -5.61 -33.41
CA ARG A 93 -20.40 -5.45 -34.79
C ARG A 93 -21.13 -4.13 -35.01
N SER A 94 -22.00 -3.77 -34.08
CA SER A 94 -22.70 -2.50 -34.09
C SER A 94 -21.95 -1.33 -33.42
N ARG A 95 -22.39 -0.13 -33.74
CA ARG A 95 -21.89 1.04 -33.06
C ARG A 95 -22.94 1.31 -32.00
N ASP A 96 -22.59 2.05 -30.93
CA ASP A 96 -23.61 2.47 -29.97
C ASP A 96 -24.55 3.52 -30.59
N SER A 97 -25.53 3.96 -29.81
CA SER A 97 -26.59 4.83 -30.35
C SER A 97 -26.08 6.22 -30.76
N THR A 98 -24.85 6.57 -30.38
CA THR A 98 -24.26 7.87 -30.76
C THR A 98 -23.17 7.71 -31.83
N GLY A 99 -23.12 6.53 -32.48
CA GLY A 99 -22.12 6.22 -33.48
C GLY A 99 -20.74 5.72 -33.01
N SER A 100 -20.49 5.71 -31.70
CA SER A 100 -19.20 5.24 -31.18
C SER A 100 -18.91 3.79 -31.55
N ARG A 101 -17.64 3.52 -31.76
CA ARG A 101 -17.20 2.17 -31.90
C ARG A 101 -16.94 1.62 -30.50
N VAL A 102 -17.24 0.35 -30.27
CA VAL A 102 -17.17 -0.19 -28.89
C VAL A 102 -16.16 -1.35 -28.79
N LEU A 103 -15.10 -1.15 -27.98
CA LEU A 103 -14.03 -2.16 -27.84
C LEU A 103 -14.14 -2.90 -26.53
N ILE A 104 -13.94 -4.20 -26.57
CA ILE A 104 -14.01 -4.98 -25.34
C ILE A 104 -12.66 -5.63 -25.09
N TYR A 105 -12.17 -5.47 -23.87
CA TYR A 105 -10.93 -6.07 -23.45
C TYR A 105 -11.21 -6.98 -22.27
N ARG A 106 -10.75 -8.23 -22.32
CA ARG A 106 -10.99 -9.16 -21.22
C ARG A 106 -9.71 -9.61 -20.50
N ILE A 107 -9.54 -9.12 -19.29
CA ILE A 107 -8.34 -9.37 -18.49
C ILE A 107 -8.02 -10.85 -18.28
N ALA A 108 -9.09 -11.65 -18.14
CA ALA A 108 -8.95 -13.06 -17.78
C ALA A 108 -8.18 -13.82 -18.86
N TYR A 109 -8.25 -13.30 -20.08
CA TYR A 109 -7.57 -13.92 -21.20
C TYR A 109 -6.21 -13.28 -21.50
N TRP A 110 -5.76 -12.37 -20.63
CA TRP A 110 -4.35 -11.97 -20.67
C TRP A 110 -3.57 -12.76 -19.62
N ASP A 111 -2.79 -13.73 -20.11
CA ASP A 111 -1.90 -14.58 -19.30
C ASP A 111 -0.56 -13.83 -19.14
N PRO A 112 -0.34 -13.21 -17.97
CA PRO A 112 0.78 -12.29 -17.84
C PRO A 112 2.15 -12.97 -17.62
N LYS A 113 2.24 -14.27 -17.91
CA LYS A 113 3.51 -15.00 -17.84
C LYS A 113 4.05 -15.19 -19.25
N VAL A 114 3.19 -14.85 -20.23
CA VAL A 114 3.44 -15.02 -21.67
C VAL A 114 3.43 -13.68 -22.44
N PHE A 115 2.65 -12.71 -21.98
CA PHE A 115 2.53 -11.38 -22.60
C PHE A 115 2.66 -10.29 -21.54
N THR A 116 3.47 -9.27 -21.83
CA THR A 116 3.68 -8.17 -20.92
C THR A 116 2.62 -7.10 -21.11
N ALA A 117 2.61 -6.10 -20.24
CA ALA A 117 1.75 -4.92 -20.37
C ALA A 117 1.97 -4.24 -21.72
N TYR A 118 3.19 -4.34 -22.23
CA TYR A 118 3.53 -3.74 -23.53
C TYR A 118 2.83 -4.45 -24.68
N ASP A 119 2.85 -5.79 -24.65
CA ASP A 119 2.10 -6.58 -25.62
C ASP A 119 0.62 -6.24 -25.62
N VAL A 120 0.04 -6.08 -24.43
CA VAL A 120 -1.38 -5.78 -24.30
C VAL A 120 -1.67 -4.37 -24.84
N PHE A 121 -0.87 -3.38 -24.43
CA PHE A 121 -1.00 -2.01 -24.94
C PHE A 121 -0.91 -2.07 -26.47
N ARG A 122 0.03 -2.83 -26.99
CA ARG A 122 0.21 -2.87 -28.43
C ARG A 122 -1.07 -3.31 -29.14
N VAL A 123 -1.85 -4.21 -28.52
CA VAL A 123 -3.13 -4.65 -29.07
C VAL A 123 -4.13 -3.49 -29.21
N SER A 124 -4.16 -2.58 -28.22
CA SER A 124 -5.00 -1.40 -28.26
C SER A 124 -4.54 -0.41 -29.31
N LEU A 125 -3.24 -0.40 -29.55
CA LEU A 125 -2.64 0.48 -30.52
C LEU A 125 -3.02 -0.01 -31.93
N ILE A 126 -2.87 -1.31 -32.13
CA ILE A 126 -3.25 -1.91 -33.41
C ILE A 126 -4.72 -1.58 -33.69
N THR A 127 -5.60 -1.89 -32.74
CA THR A 127 -7.03 -1.69 -32.94
C THR A 127 -7.39 -0.23 -33.22
N SER A 128 -6.81 0.69 -32.46
CA SER A 128 -7.01 2.13 -32.65
C SER A 128 -6.56 2.57 -34.04
N GLU A 129 -5.38 2.09 -34.47
CA GLU A 129 -4.88 2.44 -35.79
C GLU A 129 -5.84 1.99 -36.87
N LEU A 130 -6.42 0.80 -36.70
CA LEU A 130 -7.36 0.25 -37.71
C LEU A 130 -8.72 0.94 -37.73
N ILE A 131 -9.26 1.26 -36.57
CA ILE A 131 -10.59 1.87 -36.50
C ILE A 131 -10.66 3.37 -36.84
N VAL A 132 -9.53 4.07 -36.72
CA VAL A 132 -9.49 5.50 -36.96
C VAL A 132 -9.64 5.83 -38.45
N GLN A 133 -9.53 4.81 -39.29
CA GLN A 133 -9.77 5.01 -40.71
C GLN A 133 -11.26 5.24 -41.03
N GLU A 134 -12.15 4.73 -40.15
CA GLU A 134 -13.60 4.89 -40.31
C GLU A 134 -13.98 6.32 -39.97
N VAL A 135 -14.51 7.04 -40.95
CA VAL A 135 -14.93 8.43 -40.76
C VAL A 135 -15.86 8.57 -39.57
N GLU A 136 -16.85 7.68 -39.49
CA GLU A 136 -17.81 7.67 -38.37
C GLU A 136 -17.12 7.56 -37.02
N THR A 137 -16.06 6.79 -36.98
CA THR A 137 -15.31 6.60 -35.75
C THR A 137 -14.55 7.86 -35.40
N GLN A 138 -13.96 8.49 -36.42
CA GLN A 138 -13.35 9.78 -36.25
C GLN A 138 -14.35 10.79 -35.73
N ARG A 139 -15.60 10.70 -36.18
CA ARG A 139 -16.64 11.65 -35.75
C ARG A 139 -17.22 11.36 -34.35
N ASN A 140 -17.42 10.07 -34.06
CA ASN A 140 -18.17 9.69 -32.89
C ASN A 140 -17.33 8.96 -31.86
N GLY A 141 -16.06 8.78 -32.18
CA GLY A 141 -15.12 8.33 -31.18
C GLY A 141 -15.37 6.90 -30.86
N VAL A 142 -14.87 6.53 -29.70
CA VAL A 142 -14.70 5.17 -29.27
C VAL A 142 -15.19 5.00 -27.84
N LYS A 143 -15.62 3.79 -27.48
CA LYS A 143 -15.85 3.44 -26.06
C LYS A 143 -15.23 2.07 -25.74
N ALA A 144 -14.57 1.98 -24.59
CA ALA A 144 -13.83 0.76 -24.24
C ALA A 144 -14.42 0.13 -23.00
N ILE A 145 -14.73 -1.16 -23.08
CA ILE A 145 -15.23 -1.87 -21.92
C ILE A 145 -14.13 -2.80 -21.41
N PHE A 146 -13.74 -2.63 -20.15
CA PHE A 146 -12.74 -3.52 -19.55
C PHE A 146 -13.38 -4.54 -18.59
N ASP A 147 -13.29 -5.82 -18.92
CA ASP A 147 -13.79 -6.84 -18.03
C ASP A 147 -12.63 -7.30 -17.16
N LEU A 148 -12.76 -7.04 -15.88
CA LEU A 148 -11.69 -7.29 -14.92
C LEU A 148 -11.91 -8.56 -14.09
N GLU A 149 -12.93 -9.35 -14.42
CA GLU A 149 -13.11 -10.64 -13.82
C GLU A 149 -11.83 -11.41 -14.06
N GLY A 150 -11.30 -12.02 -13.00
CA GLY A 150 -10.07 -12.81 -13.06
C GLY A 150 -8.77 -12.03 -12.95
N TRP A 151 -8.89 -10.72 -12.67
CA TRP A 151 -7.73 -9.87 -12.38
C TRP A 151 -6.81 -10.46 -11.31
N GLN A 152 -5.51 -10.36 -11.52
CA GLN A 152 -4.53 -11.04 -10.68
C GLN A 152 -3.47 -10.08 -10.12
N VAL A 153 -2.84 -10.46 -9.00
CA VAL A 153 -1.67 -9.73 -8.46
C VAL A 153 -0.67 -9.61 -9.60
N SER A 154 -0.55 -10.71 -10.34
CA SER A 154 0.34 -10.85 -11.47
C SER A 154 0.08 -9.87 -12.62
N HIS A 155 -1.19 -9.56 -12.91
CA HIS A 155 -1.49 -8.46 -13.84
C HIS A 155 -0.97 -7.15 -13.27
N ALA A 156 -1.23 -6.90 -12.00
CA ALA A 156 -0.85 -5.63 -11.40
C ALA A 156 0.67 -5.41 -11.44
N PHE A 157 1.45 -6.46 -11.16
CA PHE A 157 2.90 -6.35 -11.21
C PHE A 157 3.41 -5.79 -12.55
N GLN A 158 2.63 -5.98 -13.61
CA GLN A 158 3.01 -5.55 -14.96
C GLN A 158 2.70 -4.08 -15.17
N ILE A 159 1.73 -3.57 -14.41
CA ILE A 159 1.38 -2.16 -14.51
C ILE A 159 2.29 -1.39 -13.59
N THR A 160 3.52 -1.16 -14.07
CA THR A 160 4.55 -0.37 -13.39
C THR A 160 4.21 1.12 -13.44
N PRO A 161 4.86 1.95 -12.57
CA PRO A 161 4.60 3.38 -12.70
C PRO A 161 4.91 3.82 -14.13
N SER A 162 5.99 3.28 -14.68
CA SER A 162 6.40 3.57 -16.04
C SER A 162 5.30 3.25 -17.05
N VAL A 163 4.65 2.09 -16.92
CA VAL A 163 3.54 1.76 -17.83
C VAL A 163 2.32 2.64 -17.59
N ALA A 164 2.05 2.98 -16.32
CA ALA A 164 0.92 3.88 -16.00
C ALA A 164 1.00 5.22 -16.73
N LYS A 165 2.19 5.82 -16.74
CA LYS A 165 2.42 7.10 -17.43
C LYS A 165 2.10 7.01 -18.91
N LYS A 166 2.62 5.97 -19.56
CA LYS A 166 2.49 5.78 -21.01
C LYS A 166 1.04 5.58 -21.43
N ILE A 167 0.29 4.84 -20.61
CA ILE A 167 -1.19 4.76 -20.71
C ILE A 167 -1.78 6.17 -20.64
N ALA A 168 -1.41 6.94 -19.60
CA ALA A 168 -1.98 8.25 -19.37
C ALA A 168 -1.59 9.21 -20.51
N ALA A 169 -0.34 9.07 -20.95
CA ALA A 169 0.20 9.99 -21.94
C ALA A 169 -0.54 9.88 -23.27
N VAL A 170 -0.91 8.66 -23.66
CA VAL A 170 -1.51 8.41 -24.97
C VAL A 170 -2.93 8.94 -24.94
N LEU A 171 -3.52 8.86 -23.76
CA LEU A 171 -4.86 9.36 -23.51
C LEU A 171 -4.85 10.90 -23.34
N THR A 172 -3.69 11.51 -23.08
CA THR A 172 -3.69 12.96 -22.86
C THR A 172 -3.38 13.69 -24.14
N ASP A 173 -4.42 13.90 -24.94
CA ASP A 173 -4.31 14.67 -26.15
C ASP A 173 -3.15 14.20 -27.03
N SER A 174 -2.95 12.87 -27.11
CA SER A 174 -1.88 12.34 -27.92
C SER A 174 -2.23 11.24 -28.93
N PHE A 175 -3.52 10.91 -29.06
CA PHE A 175 -3.95 10.02 -30.16
C PHE A 175 -5.19 10.60 -30.82
N PRO A 176 -5.30 10.49 -32.16
CA PRO A 176 -6.45 11.09 -32.86
C PRO A 176 -7.74 10.29 -32.71
N LEU A 177 -8.19 10.06 -31.49
CA LEU A 177 -9.45 9.37 -31.25
C LEU A 177 -10.14 9.94 -30.05
N LYS A 178 -11.37 10.39 -30.27
CA LYS A 178 -12.25 10.88 -29.24
C LYS A 178 -12.62 9.75 -28.30
N VAL A 179 -12.27 9.90 -27.02
CA VAL A 179 -12.61 8.92 -26.01
C VAL A 179 -13.95 9.26 -25.40
N ARG A 180 -15.00 8.59 -25.86
CA ARG A 180 -16.33 8.91 -25.34
C ARG A 180 -16.80 8.16 -24.08
N GLY A 181 -16.13 7.07 -23.70
CA GLY A 181 -16.53 6.29 -22.52
C GLY A 181 -15.54 5.21 -22.09
N ILE A 182 -15.17 5.18 -20.81
CA ILE A 182 -14.42 4.06 -20.27
C ILE A 182 -15.36 3.32 -19.28
N HIS A 183 -15.66 2.04 -19.56
CA HIS A 183 -16.50 1.23 -18.66
C HIS A 183 -15.72 0.07 -18.03
N LEU A 184 -15.67 0.03 -16.68
CA LEU A 184 -15.12 -1.15 -16.01
C LEU A 184 -16.24 -2.00 -15.47
N ILE A 185 -16.12 -3.30 -15.69
CA ILE A 185 -17.03 -4.28 -15.08
C ILE A 185 -16.21 -5.33 -14.34
N ASN A 186 -16.72 -5.79 -13.19
CA ASN A 186 -16.04 -6.81 -12.39
C ASN A 186 -14.66 -6.34 -11.86
N GLU A 187 -14.49 -5.04 -11.62
CA GLU A 187 -13.23 -4.49 -11.12
C GLU A 187 -13.10 -4.85 -9.67
N PRO A 188 -11.87 -5.13 -9.22
CA PRO A 188 -11.67 -5.25 -7.78
C PRO A 188 -11.93 -3.91 -7.12
N VAL A 189 -12.52 -3.92 -5.92
CA VAL A 189 -12.83 -2.69 -5.16
C VAL A 189 -11.63 -1.74 -5.00
N ILE A 190 -10.41 -2.30 -5.02
CA ILE A 190 -9.20 -1.49 -5.05
C ILE A 190 -9.26 -0.42 -6.16
N PHE A 191 -9.77 -0.79 -7.34
CA PHE A 191 -9.85 0.14 -8.46
C PHE A 191 -10.55 1.44 -8.11
N HIS A 192 -11.52 1.40 -7.19
CA HIS A 192 -12.14 2.63 -6.65
C HIS A 192 -11.19 3.50 -5.83
N ALA A 193 -10.30 2.90 -5.04
CA ALA A 193 -9.37 3.70 -4.27
C ALA A 193 -8.43 4.41 -5.24
N VAL A 194 -7.83 3.65 -6.16
CA VAL A 194 -6.95 4.21 -7.18
C VAL A 194 -7.66 5.36 -7.93
N PHE A 195 -8.94 5.14 -8.27
CA PHE A 195 -9.74 6.17 -8.92
C PHE A 195 -9.80 7.48 -8.11
N SER A 196 -10.11 7.40 -6.81
CA SER A 196 -10.18 8.58 -5.92
C SER A 196 -8.91 9.42 -5.92
N MET A 197 -7.79 8.75 -6.11
CA MET A 197 -6.47 9.36 -6.07
C MET A 197 -6.21 10.08 -7.39
N ILE A 198 -6.77 9.54 -8.46
CA ILE A 198 -6.58 10.07 -9.81
C ILE A 198 -7.50 11.25 -10.10
N LYS A 199 -8.72 11.23 -9.55
CA LYS A 199 -9.82 12.14 -9.95
C LYS A 199 -9.48 13.64 -10.03
N PRO A 200 -8.76 14.17 -9.04
CA PRO A 200 -8.47 15.59 -9.06
C PRO A 200 -7.55 16.00 -10.21
N PHE A 201 -6.82 15.04 -10.77
CA PHE A 201 -5.87 15.23 -11.89
C PHE A 201 -6.59 15.11 -13.22
N LEU A 202 -7.85 14.70 -13.18
CA LEU A 202 -8.65 14.60 -14.37
C LEU A 202 -9.58 15.79 -14.50
N THR A 203 -9.91 16.12 -15.74
CA THR A 203 -10.92 17.10 -16.09
C THR A 203 -12.29 16.69 -15.57
N GLU A 204 -13.21 17.64 -15.55
CA GLU A 204 -14.57 17.31 -15.16
C GLU A 204 -15.14 16.34 -16.20
N LYS A 205 -14.94 16.66 -17.47
CA LYS A 205 -15.53 15.98 -18.63
C LYS A 205 -15.20 14.50 -18.73
N ILE A 206 -13.91 14.17 -18.67
CA ILE A 206 -13.49 12.78 -18.69
C ILE A 206 -13.99 11.99 -17.46
N LYS A 207 -14.22 12.68 -16.35
CA LYS A 207 -14.65 12.01 -15.14
C LYS A 207 -16.05 11.54 -15.32
N ASP A 208 -16.82 12.34 -16.07
CA ASP A 208 -18.19 11.98 -16.41
C ASP A 208 -18.26 10.81 -17.40
N ARG A 209 -17.13 10.43 -17.96
CA ARG A 209 -17.06 9.38 -18.98
C ARG A 209 -16.45 8.08 -18.46
N ILE A 210 -16.08 8.06 -17.18
CA ILE A 210 -15.54 6.85 -16.59
C ILE A 210 -16.61 6.22 -15.72
N HIS A 211 -16.87 4.95 -15.95
CA HIS A 211 -17.94 4.27 -15.22
C HIS A 211 -17.41 2.98 -14.64
N LEU A 212 -17.63 2.78 -13.35
CA LEU A 212 -17.25 1.54 -12.69
C LEU A 212 -18.52 0.79 -12.29
N HIS A 213 -18.82 -0.29 -13.00
CA HIS A 213 -20.11 -0.94 -12.79
C HIS A 213 -20.14 -2.03 -11.69
N GLY A 214 -19.03 -2.70 -11.42
CA GLY A 214 -18.95 -3.68 -10.34
C GLY A 214 -19.32 -5.04 -10.87
N ASN A 215 -19.77 -5.93 -9.99
CA ASN A 215 -20.15 -7.29 -10.35
C ASN A 215 -21.57 -7.37 -10.86
N ASN A 216 -22.39 -6.40 -10.44
CA ASN A 216 -23.81 -6.29 -10.82
C ASN A 216 -23.94 -5.38 -12.04
N TYR A 217 -23.04 -5.53 -13.02
CA TYR A 217 -22.95 -4.55 -14.08
C TYR A 217 -24.13 -4.65 -15.00
N LYS A 218 -24.71 -5.83 -15.10
CA LYS A 218 -25.63 -6.13 -16.20
C LYS A 218 -26.66 -5.03 -16.53
N SER A 219 -27.39 -4.54 -15.57
CA SER A 219 -28.46 -3.62 -15.91
C SER A 219 -27.96 -2.21 -16.14
N SER A 220 -26.96 -1.78 -15.41
CA SER A 220 -26.41 -0.44 -15.64
C SER A 220 -25.70 -0.34 -17.01
N MET A 221 -25.03 -1.41 -17.43
CA MET A 221 -24.43 -1.48 -18.76
C MET A 221 -25.48 -1.46 -19.85
N LEU A 222 -26.58 -2.17 -19.63
CA LEU A 222 -27.61 -2.26 -20.67
C LEU A 222 -28.21 -0.91 -21.05
N GLN A 223 -28.03 0.08 -20.18
CA GLN A 223 -28.48 1.44 -20.44
C GLN A 223 -27.63 2.21 -21.42
N HIS A 224 -26.35 1.87 -21.43
CA HIS A 224 -25.38 2.48 -22.30
C HIS A 224 -25.25 1.74 -23.62
N PHE A 225 -25.51 0.45 -23.61
CA PHE A 225 -25.34 -0.36 -24.79
C PHE A 225 -26.49 -1.33 -25.07
N PRO A 226 -27.73 -0.82 -25.17
CA PRO A 226 -28.78 -1.80 -25.46
C PRO A 226 -28.59 -2.49 -26.82
N ASP A 227 -29.11 -3.70 -26.93
CA ASP A 227 -29.17 -4.44 -28.22
C ASP A 227 -27.83 -4.84 -28.86
N ILE A 228 -26.70 -4.43 -28.30
CA ILE A 228 -25.48 -4.65 -29.04
C ILE A 228 -24.45 -5.51 -28.34
N LEU A 229 -24.60 -5.69 -27.03
CA LEU A 229 -23.60 -6.41 -26.26
C LEU A 229 -23.71 -7.90 -26.57
N PRO A 230 -22.63 -8.65 -26.30
CA PRO A 230 -22.74 -10.10 -26.50
C PRO A 230 -23.46 -10.79 -25.34
N ARG A 231 -23.84 -12.05 -25.54
CA ARG A 231 -24.60 -12.80 -24.53
C ARG A 231 -24.01 -12.71 -23.12
N GLU A 232 -22.69 -12.79 -23.00
CA GLU A 232 -22.04 -12.73 -21.70
C GLU A 232 -22.45 -11.50 -20.89
N TYR A 233 -22.79 -10.40 -21.56
CA TYR A 233 -23.00 -9.15 -20.84
C TYR A 233 -24.44 -8.63 -20.94
N GLY A 234 -25.36 -9.50 -21.30
CA GLY A 234 -26.78 -9.15 -21.33
C GLY A 234 -27.43 -9.06 -22.69
N GLY A 235 -26.65 -9.27 -23.76
CA GLY A 235 -27.15 -9.27 -25.13
C GLY A 235 -27.68 -10.65 -25.46
N LYS A 236 -28.10 -10.86 -26.69
CA LYS A 236 -28.74 -12.16 -26.98
C LYS A 236 -28.54 -12.70 -28.39
N GLU A 237 -27.74 -12.00 -29.19
CA GLU A 237 -27.53 -12.43 -30.56
C GLU A 237 -26.22 -13.13 -30.84
N PHE A 238 -25.13 -12.70 -30.20
CA PHE A 238 -23.82 -13.29 -30.47
C PHE A 238 -22.99 -13.46 -29.19
N SER A 239 -21.86 -14.15 -29.29
CA SER A 239 -20.98 -14.44 -28.15
C SER A 239 -19.71 -13.61 -28.19
N MET A 240 -18.99 -13.53 -27.08
CA MET A 240 -17.69 -12.90 -27.04
C MET A 240 -16.70 -13.69 -27.88
N GLU A 241 -16.85 -15.00 -27.90
CA GLU A 241 -15.96 -15.83 -28.69
C GLU A 241 -16.05 -15.50 -30.20
N ASP A 242 -17.27 -15.16 -30.66
CA ASP A 242 -17.47 -14.80 -32.07
C ASP A 242 -16.80 -13.46 -32.40
N ILE A 243 -17.00 -12.44 -31.58
CA ILE A 243 -16.45 -11.15 -31.85
C ILE A 243 -14.93 -11.16 -31.69
N CYS A 244 -14.42 -11.89 -30.72
CA CYS A 244 -12.98 -12.14 -30.65
C CYS A 244 -12.43 -12.75 -31.97
N GLN A 245 -13.04 -13.86 -32.41
CA GLN A 245 -12.69 -14.50 -33.68
C GLN A 245 -12.82 -13.54 -34.86
N GLU A 246 -13.95 -12.85 -34.99
CA GLU A 246 -14.15 -11.82 -36.03
C GLU A 246 -13.07 -10.76 -36.02
N TRP A 247 -12.75 -10.24 -34.85
CA TRP A 247 -11.79 -9.16 -34.78
C TRP A 247 -10.38 -9.68 -35.01
N THR A 248 -10.11 -10.90 -34.55
CA THR A 248 -8.82 -11.51 -34.78
C THR A 248 -8.56 -11.69 -36.28
N ASN A 249 -9.54 -12.24 -37.00
CA ASN A 249 -9.43 -12.42 -38.44
C ASN A 249 -9.08 -11.07 -39.08
N PHE A 250 -9.82 -10.04 -38.67
CA PHE A 250 -9.68 -8.71 -39.22
C PHE A 250 -8.31 -8.09 -38.98
N ILE A 251 -7.78 -8.21 -37.76
CA ILE A 251 -6.44 -7.72 -37.49
C ILE A 251 -5.47 -8.40 -38.47
N MET A 252 -5.47 -9.72 -38.52
CA MET A 252 -4.61 -10.45 -39.46
C MET A 252 -4.83 -10.13 -40.96
N LYS A 253 -6.09 -9.97 -41.39
CA LYS A 253 -6.38 -9.44 -42.73
C LYS A 253 -5.58 -8.17 -43.02
N SER A 254 -5.44 -7.33 -42.01
CA SER A 254 -4.76 -6.04 -42.08
C SER A 254 -3.28 -6.12 -41.78
N GLU A 255 -2.72 -7.33 -41.73
CA GLU A 255 -1.34 -7.50 -41.29
C GLU A 255 -0.33 -6.74 -42.16
N ASP A 256 -0.68 -6.55 -43.43
CA ASP A 256 0.20 -5.90 -44.38
C ASP A 256 0.13 -4.38 -44.26
N TYR A 257 -1.09 -3.85 -44.17
CA TYR A 257 -1.26 -2.43 -43.92
C TYR A 257 -0.57 -2.05 -42.60
N LEU A 258 -0.68 -2.93 -41.59
CA LEU A 258 -0.04 -2.64 -40.30
C LEU A 258 1.48 -2.60 -40.43
N SER A 259 2.04 -3.51 -41.22
CA SER A 259 3.47 -3.57 -41.46
C SER A 259 3.91 -2.37 -42.25
N SER A 260 3.04 -1.88 -43.12
CA SER A 260 3.37 -0.72 -43.95
C SER A 260 3.49 0.56 -43.13
N ILE A 261 2.67 0.69 -42.09
CA ILE A 261 2.80 1.79 -41.11
C ILE A 261 3.72 1.48 -39.90
N SER A 262 4.61 0.51 -40.05
CA SER A 262 5.56 0.14 -38.99
C SER A 262 6.99 0.58 -39.29
N GLU A 263 7.72 0.99 -38.26
CA GLU A 263 9.14 1.35 -38.40
C GLU A 263 10.06 0.22 -37.96
N LEU B 11 20.72 49.22 -21.97
CA LEU B 11 19.77 49.33 -20.84
C LEU B 11 18.32 48.88 -21.16
N LEU B 12 18.13 48.13 -22.24
CA LEU B 12 16.83 47.50 -22.50
C LEU B 12 16.91 46.02 -22.14
N GLN B 13 15.99 45.56 -21.30
CA GLN B 13 15.89 44.13 -20.96
C GLN B 13 15.23 43.31 -22.07
N PRO B 14 15.92 42.25 -22.53
CA PRO B 14 15.40 41.44 -23.61
C PRO B 14 13.97 40.98 -23.32
N GLY B 15 13.05 41.28 -24.23
CA GLY B 15 11.68 40.78 -24.16
C GLY B 15 10.73 41.53 -23.25
N LEU B 16 11.23 42.57 -22.58
CA LEU B 16 10.45 43.33 -21.59
C LEU B 16 9.29 44.15 -22.18
N ALA B 17 9.62 44.97 -23.17
CA ALA B 17 8.66 45.84 -23.83
C ALA B 17 7.58 45.01 -24.51
N GLU B 18 7.96 43.80 -24.91
CA GLU B 18 7.08 42.90 -25.62
C GLU B 18 6.16 42.25 -24.62
N LEU B 19 6.74 41.85 -23.48
CA LEU B 19 5.98 41.23 -22.42
C LEU B 19 4.90 42.16 -21.90
N ARG B 20 5.24 43.45 -21.73
CA ARG B 20 4.25 44.44 -21.30
C ARG B 20 3.04 44.48 -22.26
N ARG B 21 3.33 44.51 -23.56
CA ARG B 21 2.29 44.52 -24.58
C ARG B 21 1.51 43.22 -24.62
N ARG B 22 2.18 42.07 -24.43
CA ARG B 22 1.46 40.81 -24.33
C ARG B 22 0.50 40.82 -23.16
N VAL B 23 0.92 41.44 -22.04
CA VAL B 23 0.10 41.59 -20.82
C VAL B 23 -1.08 42.53 -21.08
N GLN B 24 -0.85 43.57 -21.88
CA GLN B 24 -1.93 44.47 -22.27
C GLN B 24 -2.95 43.85 -23.24
N GLU B 25 -2.49 43.14 -24.27
CA GLU B 25 -3.38 42.48 -25.25
C GLU B 25 -4.27 41.44 -24.56
N ALA B 26 -3.70 40.77 -23.55
CA ALA B 26 -4.40 39.73 -22.80
C ALA B 26 -5.38 40.27 -21.74
N GLY B 27 -5.10 41.45 -21.21
CA GLY B 27 -5.88 42.03 -20.12
C GLY B 27 -5.65 41.26 -18.82
N VAL B 28 -4.40 41.19 -18.40
CA VAL B 28 -3.99 40.55 -17.13
C VAL B 28 -4.43 41.45 -15.95
N PRO B 29 -4.94 40.84 -14.85
CA PRO B 29 -5.37 41.64 -13.70
C PRO B 29 -4.29 42.60 -13.20
N GLN B 30 -4.69 43.87 -13.06
CA GLN B 30 -3.83 44.96 -12.62
C GLN B 30 -3.56 44.86 -11.12
N THR B 31 -4.51 44.27 -10.39
CA THR B 31 -4.47 44.16 -8.93
C THR B 31 -4.61 42.70 -8.53
N PRO B 32 -4.09 42.32 -7.34
CA PRO B 32 -3.45 43.19 -6.35
C PRO B 32 -2.02 43.61 -6.69
N GLN B 33 -1.29 42.75 -7.42
CA GLN B 33 0.11 42.98 -7.76
C GLN B 33 0.24 43.90 -8.98
N PRO B 34 0.71 45.15 -8.76
CA PRO B 34 0.93 46.06 -9.89
C PRO B 34 1.94 45.50 -10.89
N LEU B 35 1.67 45.79 -12.15
CA LEU B 35 2.46 45.30 -13.28
C LEU B 35 3.64 46.24 -13.56
N THR B 36 4.45 46.44 -12.52
CA THR B 36 5.69 47.20 -12.63
C THR B 36 6.71 46.39 -13.42
N ASP B 37 7.72 47.04 -13.98
CA ASP B 37 8.78 46.30 -14.63
C ASP B 37 9.38 45.25 -13.71
N ALA B 38 9.60 45.63 -12.45
CA ALA B 38 10.10 44.72 -11.39
C ALA B 38 9.29 43.44 -11.33
N PHE B 39 8.00 43.58 -11.60
CA PHE B 39 7.12 42.42 -11.57
C PHE B 39 7.33 41.56 -12.83
N LEU B 40 7.23 42.17 -14.00
CA LEU B 40 7.41 41.44 -15.24
C LEU B 40 8.75 40.68 -15.23
N LEU B 41 9.77 41.36 -14.75
CA LEU B 41 11.10 40.78 -14.73
C LEU B 41 11.21 39.46 -13.95
N ARG B 42 10.31 39.25 -13.00
CA ARG B 42 10.28 38.01 -12.23
C ARG B 42 10.15 36.84 -13.19
N PHE B 43 9.26 37.01 -14.17
CA PHE B 43 8.86 35.96 -15.10
C PHE B 43 9.92 35.78 -16.12
N LEU B 44 10.44 36.89 -16.64
CA LEU B 44 11.56 36.86 -17.56
C LEU B 44 12.79 36.15 -16.96
N ARG B 45 13.21 36.59 -15.78
CA ARG B 45 14.37 35.98 -15.16
C ARG B 45 14.10 34.53 -14.83
N ALA B 46 12.86 34.20 -14.48
CA ALA B 46 12.57 32.82 -14.08
C ALA B 46 12.80 31.89 -15.24
N ARG B 47 12.86 32.44 -16.45
CA ARG B 47 13.01 31.66 -17.66
C ARG B 47 14.14 32.18 -18.55
N ASP B 48 15.18 32.67 -17.87
CA ASP B 48 16.42 33.14 -18.50
C ASP B 48 16.14 33.99 -19.74
N PHE B 49 15.22 34.94 -19.61
CA PHE B 49 14.90 35.87 -20.68
C PHE B 49 14.46 35.24 -22.00
N ASP B 50 13.87 34.05 -21.91
CA ASP B 50 13.19 33.47 -23.05
C ASP B 50 11.74 33.98 -23.04
N LEU B 51 11.45 34.99 -23.85
CA LEU B 51 10.13 35.64 -23.84
C LEU B 51 8.97 34.64 -23.84
N ASP B 52 8.95 33.75 -24.80
CA ASP B 52 7.84 32.81 -24.91
C ASP B 52 7.57 32.01 -23.64
N LEU B 53 8.61 31.43 -23.06
CA LEU B 53 8.45 30.61 -21.91
C LEU B 53 8.10 31.45 -20.68
N ALA B 54 8.64 32.66 -20.57
CA ALA B 54 8.25 33.54 -19.45
C ALA B 54 6.76 33.90 -19.52
N TRP B 55 6.26 34.06 -20.75
CA TRP B 55 4.85 34.34 -21.00
C TRP B 55 3.97 33.12 -20.69
N ARG B 56 4.37 31.93 -21.18
CA ARG B 56 3.68 30.70 -20.77
C ARG B 56 3.57 30.70 -19.24
N LEU B 57 4.73 30.78 -18.59
CA LEU B 57 4.85 30.84 -17.12
C LEU B 57 3.93 31.85 -16.48
N MET B 58 3.94 33.09 -16.96
CA MET B 58 3.11 34.12 -16.36
C MET B 58 1.61 33.82 -16.51
N LYS B 59 1.21 33.23 -17.62
CA LYS B 59 -0.20 32.86 -17.80
C LYS B 59 -0.55 31.76 -16.81
N ASN B 60 0.39 30.84 -16.58
CA ASN B 60 0.18 29.72 -15.67
C ASN B 60 0.03 30.13 -14.20
N TYR B 61 0.92 31.01 -13.74
CA TYR B 61 0.80 31.68 -12.47
C TYR B 61 -0.60 32.23 -12.29
N TYR B 62 -1.10 32.98 -13.26
CA TYR B 62 -2.40 33.59 -13.11
C TYR B 62 -3.52 32.56 -13.17
N LYS B 63 -3.27 31.45 -13.86
CA LYS B 63 -4.28 30.40 -14.07
C LYS B 63 -4.47 29.64 -12.78
N TRP B 64 -3.33 29.31 -12.15
CA TRP B 64 -3.30 28.59 -10.89
C TRP B 64 -3.86 29.43 -9.74
N ARG B 65 -3.61 30.73 -9.78
CA ARG B 65 -4.18 31.62 -8.77
C ARG B 65 -5.71 31.60 -8.78
N ALA B 66 -6.29 31.63 -9.98
CA ALA B 66 -7.74 31.62 -10.11
C ALA B 66 -8.34 30.28 -9.68
N GLU B 67 -7.65 29.19 -9.98
CA GLU B 67 -8.10 27.84 -9.58
C GLU B 67 -7.90 27.54 -8.11
N CYS B 68 -7.09 28.32 -7.40
CA CYS B 68 -6.87 28.07 -5.97
C CYS B 68 -7.03 29.30 -5.08
N PRO B 69 -8.12 30.07 -5.28
CA PRO B 69 -8.25 31.33 -4.54
C PRO B 69 -8.12 31.16 -3.02
N GLU B 70 -8.49 29.98 -2.52
CA GLU B 70 -8.43 29.67 -1.10
C GLU B 70 -6.98 29.55 -0.67
N LEU B 71 -6.08 29.63 -1.65
CA LEU B 71 -4.64 29.63 -1.40
C LEU B 71 -4.02 30.95 -1.83
N SER B 72 -4.56 31.52 -2.91
CA SER B 72 -3.90 32.62 -3.60
C SER B 72 -4.39 34.01 -3.23
N ALA B 73 -5.60 34.10 -2.69
CA ALA B 73 -6.21 35.40 -2.41
C ALA B 73 -5.60 36.08 -1.19
N ASP B 74 -5.60 35.39 -0.05
CA ASP B 74 -5.07 35.97 1.18
C ASP B 74 -3.61 35.60 1.41
N LEU B 75 -2.73 36.60 1.31
CA LEU B 75 -1.32 36.42 1.60
C LEU B 75 -0.91 37.14 2.90
N ARG B 76 -1.91 37.53 3.70
CA ARG B 76 -1.68 38.16 5.01
C ARG B 76 -1.19 37.16 6.08
N PRO B 77 -0.06 37.47 6.73
CA PRO B 77 0.64 36.51 7.59
C PRO B 77 -0.07 36.14 8.90
N ARG B 78 -1.00 36.96 9.36
CA ARG B 78 -1.52 36.79 10.70
C ARG B 78 -2.26 35.46 10.92
N SER B 79 -2.93 34.93 9.89
CA SER B 79 -3.69 33.67 9.99
C SER B 79 -2.78 32.47 10.21
N ILE B 80 -1.53 32.58 9.75
CA ILE B 80 -0.51 31.53 9.91
C ILE B 80 0.62 31.91 10.86
N LEU B 81 0.44 32.96 11.64
CA LEU B 81 1.46 33.38 12.61
C LEU B 81 1.70 32.27 13.63
N GLY B 82 0.62 31.63 14.09
CA GLY B 82 0.72 30.55 15.06
C GLY B 82 1.67 29.46 14.59
N LEU B 83 1.63 29.19 13.29
CA LEU B 83 2.43 28.14 12.69
C LEU B 83 3.90 28.51 12.68
N LEU B 84 4.17 29.79 12.44
CA LEU B 84 5.52 30.32 12.50
C LEU B 84 6.10 30.42 13.92
N LYS B 85 5.26 30.75 14.91
CA LYS B 85 5.70 30.78 16.30
C LYS B 85 6.11 29.38 16.73
N ALA B 86 5.35 28.38 16.26
CA ALA B 86 5.58 26.99 16.61
C ALA B 86 6.94 26.46 16.12
N GLY B 87 7.51 27.11 15.13
CA GLY B 87 8.86 26.76 14.67
C GLY B 87 8.89 25.92 13.41
N TYR B 88 7.78 25.95 12.67
CA TYR B 88 7.59 25.16 11.44
C TYR B 88 8.54 25.52 10.32
N HIS B 89 8.87 26.80 10.21
CA HIS B 89 9.51 27.34 8.99
C HIS B 89 10.59 28.36 9.31
N GLY B 90 11.68 28.26 8.57
CA GLY B 90 12.82 29.15 8.70
C GLY B 90 13.49 29.28 7.35
N VAL B 91 14.37 30.26 7.23
CA VAL B 91 15.19 30.51 6.04
C VAL B 91 16.64 30.73 6.52
N LEU B 92 17.63 30.24 5.78
CA LEU B 92 19.03 30.36 6.21
C LEU B 92 19.48 31.80 5.98
N ARG B 93 20.36 32.32 6.83
CA ARG B 93 20.89 33.66 6.60
C ARG B 93 21.68 33.73 5.30
N SER B 94 22.49 32.70 5.05
CA SER B 94 23.29 32.66 3.85
C SER B 94 22.61 31.94 2.71
N ARG B 95 22.97 32.37 1.53
CA ARG B 95 22.67 31.62 0.35
C ARG B 95 23.66 30.45 0.27
N ASP B 96 23.25 29.38 -0.41
CA ASP B 96 24.18 28.29 -0.68
C ASP B 96 25.24 28.75 -1.66
N SER B 97 26.13 27.85 -2.01
CA SER B 97 27.27 28.23 -2.81
C SER B 97 26.93 28.69 -4.25
N THR B 98 25.68 28.53 -4.66
CA THR B 98 25.29 28.95 -6.00
C THR B 98 24.20 30.02 -5.95
N GLY B 99 24.02 30.63 -4.78
CA GLY B 99 23.20 31.83 -4.63
C GLY B 99 21.74 31.60 -4.32
N SER B 100 21.33 30.33 -4.27
CA SER B 100 19.99 29.96 -3.86
C SER B 100 19.68 30.40 -2.44
N ARG B 101 18.48 30.92 -2.26
CA ARG B 101 17.91 31.00 -0.93
C ARG B 101 17.58 29.57 -0.46
N VAL B 102 17.76 29.31 0.82
CA VAL B 102 17.52 27.95 1.35
C VAL B 102 16.38 27.98 2.37
N LEU B 103 15.36 27.18 2.13
CA LEU B 103 14.18 27.23 2.99
C LEU B 103 14.02 25.92 3.72
N ILE B 104 13.69 26.02 5.00
CA ILE B 104 13.56 24.86 5.85
C ILE B 104 12.14 24.83 6.41
N TYR B 105 11.52 23.68 6.31
CA TYR B 105 10.18 23.44 6.78
C TYR B 105 10.27 22.19 7.67
N ARG B 106 9.61 22.25 8.82
CA ARG B 106 9.71 21.20 9.85
C ARG B 106 8.31 20.68 10.25
N ILE B 107 8.02 19.45 9.86
CA ILE B 107 6.68 18.91 10.02
C ILE B 107 6.31 18.78 11.49
N ALA B 108 7.31 18.43 12.31
CA ALA B 108 7.08 18.24 13.74
C ALA B 108 6.42 19.46 14.40
N TYR B 109 6.69 20.66 13.89
CA TYR B 109 6.11 21.86 14.47
C TYR B 109 4.77 22.25 13.83
N TRP B 110 4.23 21.32 13.04
CA TRP B 110 2.91 21.48 12.44
C TRP B 110 1.84 20.60 13.12
N ASP B 111 0.96 21.26 13.87
CA ASP B 111 -0.17 20.61 14.52
C ASP B 111 -1.36 20.61 13.57
N PRO B 112 -1.73 19.43 13.05
CA PRO B 112 -2.80 19.39 12.08
C PRO B 112 -4.19 19.54 12.72
N LYS B 113 -4.26 19.52 14.05
CA LYS B 113 -5.50 19.86 14.77
C LYS B 113 -5.82 21.34 14.60
N VAL B 114 -4.78 22.19 14.69
CA VAL B 114 -4.90 23.64 14.54
C VAL B 114 -4.85 24.08 13.08
N PHE B 115 -3.87 23.58 12.32
CA PHE B 115 -3.64 24.08 10.97
C PHE B 115 -3.89 23.05 9.89
N THR B 116 -4.54 23.49 8.80
CA THR B 116 -4.79 22.65 7.63
C THR B 116 -3.58 22.67 6.68
N ALA B 117 -3.57 21.72 5.74
CA ALA B 117 -2.54 21.71 4.70
C ALA B 117 -2.55 23.04 3.95
N TYR B 118 -3.74 23.62 3.79
CA TYR B 118 -3.88 24.92 3.14
C TYR B 118 -3.18 26.05 3.89
N ASP B 119 -3.29 26.05 5.22
CA ASP B 119 -2.56 27.02 6.04
C ASP B 119 -1.06 26.87 5.82
N VAL B 120 -0.58 25.62 5.87
CA VAL B 120 0.83 25.30 5.67
C VAL B 120 1.31 25.77 4.29
N PHE B 121 0.53 25.39 3.27
CA PHE B 121 0.79 25.72 1.87
C PHE B 121 0.91 27.24 1.78
N ARG B 122 0.07 27.96 2.52
CA ARG B 122 0.10 29.42 2.48
C ARG B 122 1.44 29.98 3.00
N VAL B 123 2.03 29.33 4.01
CA VAL B 123 3.33 29.78 4.54
C VAL B 123 4.36 29.85 3.41
N SER B 124 4.42 28.79 2.61
CA SER B 124 5.32 28.70 1.42
C SER B 124 5.04 29.81 0.43
N LEU B 125 3.77 30.19 0.31
CA LEU B 125 3.33 31.15 -0.69
C LEU B 125 3.76 32.52 -0.25
N ILE B 126 3.58 32.82 1.03
CA ILE B 126 4.09 34.07 1.62
C ILE B 126 5.60 34.16 1.42
N THR B 127 6.36 33.19 1.93
CA THR B 127 7.80 33.18 1.78
C THR B 127 8.26 33.33 0.33
N SER B 128 7.63 32.58 -0.58
CA SER B 128 7.95 32.66 -2.01
C SER B 128 7.69 34.04 -2.56
N GLU B 129 6.60 34.68 -2.13
CA GLU B 129 6.31 36.01 -2.61
C GLU B 129 7.29 37.04 -2.07
N LEU B 130 7.88 36.79 -0.90
CA LEU B 130 8.87 37.72 -0.36
C LEU B 130 10.22 37.57 -1.01
N ILE B 131 10.69 36.34 -1.15
CA ILE B 131 12.02 36.09 -1.75
C ILE B 131 12.10 36.38 -3.28
N VAL B 132 10.97 36.27 -3.98
CA VAL B 132 10.98 36.50 -5.42
C VAL B 132 11.35 37.96 -5.77
N GLN B 133 11.28 38.85 -4.78
CA GLN B 133 11.58 40.26 -5.00
C GLN B 133 13.06 40.49 -5.04
N GLU B 134 13.84 39.48 -4.70
CA GLU B 134 15.30 39.57 -4.74
C GLU B 134 15.79 39.09 -6.09
N VAL B 135 16.47 39.97 -6.80
CA VAL B 135 17.12 39.63 -8.05
C VAL B 135 17.98 38.36 -7.92
N GLU B 136 18.77 38.25 -6.85
CA GLU B 136 19.64 37.06 -6.64
C GLU B 136 18.84 35.75 -6.58
N THR B 137 17.73 35.76 -5.88
CA THR B 137 16.84 34.60 -5.81
C THR B 137 16.12 34.36 -7.14
N GLN B 138 15.84 35.42 -7.90
CA GLN B 138 15.31 35.24 -9.27
C GLN B 138 16.35 34.57 -10.15
N ARG B 139 17.60 34.99 -10.03
CA ARG B 139 18.69 34.38 -10.77
C ARG B 139 19.03 32.95 -10.36
N ASN B 140 19.05 32.70 -9.05
CA ASN B 140 19.62 31.45 -8.53
C ASN B 140 18.61 30.51 -7.86
N GLY B 141 17.34 30.87 -7.82
CA GLY B 141 16.31 29.94 -7.40
C GLY B 141 16.32 29.59 -5.93
N VAL B 142 15.51 28.59 -5.57
CA VAL B 142 15.43 28.17 -4.19
C VAL B 142 15.77 26.72 -4.04
N LYS B 143 16.17 26.34 -2.84
CA LYS B 143 16.27 24.94 -2.44
C LYS B 143 15.46 24.81 -1.16
N ALA B 144 14.76 23.70 -1.00
CA ALA B 144 13.86 23.53 0.15
C ALA B 144 14.19 22.24 0.88
N ILE B 145 14.31 22.32 2.20
CA ILE B 145 14.61 21.15 3.02
C ILE B 145 13.36 20.82 3.82
N PHE B 146 12.83 19.63 3.62
CA PHE B 146 11.69 19.22 4.42
C PHE B 146 12.17 18.21 5.44
N ASP B 147 12.06 18.57 6.71
CA ASP B 147 12.43 17.66 7.79
C ASP B 147 11.14 16.96 8.23
N LEU B 148 11.07 15.66 7.95
CA LEU B 148 9.85 14.89 8.15
C LEU B 148 9.86 14.07 9.45
N GLU B 149 10.80 14.39 10.35
CA GLU B 149 10.74 13.84 11.69
C GLU B 149 9.46 14.33 12.33
N GLY B 150 8.72 13.38 12.92
CA GLY B 150 7.44 13.67 13.56
C GLY B 150 6.24 13.38 12.67
N TRP B 151 6.48 13.05 11.40
CA TRP B 151 5.40 12.80 10.44
C TRP B 151 4.34 11.84 11.01
N GLN B 152 3.11 12.33 11.08
CA GLN B 152 1.98 11.61 11.65
C GLN B 152 0.90 11.29 10.63
N VAL B 153 0.08 10.27 10.95
CA VAL B 153 -1.09 9.88 10.16
C VAL B 153 -1.97 11.09 9.94
N SER B 154 -2.00 11.99 10.92
CA SER B 154 -2.89 13.14 10.83
C SER B 154 -2.41 14.16 9.80
N HIS B 155 -1.10 14.20 9.57
CA HIS B 155 -0.53 14.94 8.46
C HIS B 155 -0.95 14.29 7.17
N ALA B 156 -0.67 12.98 7.07
CA ALA B 156 -1.02 12.23 5.87
C ALA B 156 -2.44 12.53 5.39
N PHE B 157 -3.40 12.44 6.29
CA PHE B 157 -4.82 12.68 5.96
C PHE B 157 -5.11 14.08 5.45
N GLN B 158 -4.29 15.05 5.84
CA GLN B 158 -4.43 16.42 5.34
C GLN B 158 -3.99 16.53 3.88
N ILE B 159 -3.11 15.62 3.45
CA ILE B 159 -2.65 15.62 2.06
C ILE B 159 -3.55 14.73 1.19
N THR B 160 -4.77 15.23 0.98
CA THR B 160 -5.74 14.64 0.06
C THR B 160 -5.19 14.59 -1.37
N PRO B 161 -5.84 13.81 -2.26
CA PRO B 161 -5.42 13.91 -3.67
C PRO B 161 -5.54 15.34 -4.23
N SER B 162 -6.59 16.08 -3.82
CA SER B 162 -6.75 17.50 -4.19
C SER B 162 -5.57 18.37 -3.78
N VAL B 163 -5.12 18.23 -2.54
CA VAL B 163 -3.92 18.97 -2.10
C VAL B 163 -2.72 18.51 -2.90
N ALA B 164 -2.55 17.20 -3.06
CA ALA B 164 -1.48 16.63 -3.88
C ALA B 164 -1.44 17.28 -5.26
N LYS B 165 -2.61 17.45 -5.88
CA LYS B 165 -2.71 18.09 -7.20
C LYS B 165 -2.26 19.56 -7.18
N LYS B 166 -2.80 20.32 -6.22
CA LYS B 166 -2.46 21.73 -6.05
C LYS B 166 -1.00 21.94 -5.75
N ILE B 167 -0.41 21.09 -4.90
CA ILE B 167 1.07 21.02 -4.75
C ILE B 167 1.72 20.80 -6.15
N ALA B 168 1.35 19.72 -6.82
CA ALA B 168 1.87 19.42 -8.15
C ALA B 168 1.78 20.65 -9.06
N ALA B 169 0.58 21.26 -9.13
CA ALA B 169 0.32 22.36 -10.07
C ALA B 169 1.13 23.62 -9.78
N VAL B 170 1.29 23.99 -8.51
CA VAL B 170 2.10 25.14 -8.15
C VAL B 170 3.48 24.99 -8.75
N LEU B 171 4.05 23.81 -8.57
CA LEU B 171 5.42 23.54 -9.01
C LEU B 171 5.55 23.25 -10.51
N THR B 172 4.42 23.15 -11.22
CA THR B 172 4.46 22.82 -12.64
C THR B 172 4.30 24.09 -13.47
N ASP B 173 5.43 24.75 -13.73
CA ASP B 173 5.48 25.92 -14.59
C ASP B 173 4.49 27.03 -14.18
N SER B 174 4.20 27.15 -12.88
CA SER B 174 3.17 28.09 -12.41
C SER B 174 3.58 29.09 -11.33
N PHE B 175 4.84 29.10 -10.90
CA PHE B 175 5.32 30.14 -9.98
C PHE B 175 6.72 30.63 -10.35
N PRO B 176 6.91 31.97 -10.44
CA PRO B 176 8.18 32.48 -10.97
C PRO B 176 9.37 32.34 -10.01
N LEU B 177 9.60 31.11 -9.54
CA LEU B 177 10.82 30.73 -8.82
C LEU B 177 11.40 29.45 -9.39
N LYS B 178 12.72 29.44 -9.57
CA LYS B 178 13.44 28.28 -10.06
C LYS B 178 13.60 27.28 -8.93
N VAL B 179 13.12 26.07 -9.13
CA VAL B 179 13.31 25.05 -8.10
C VAL B 179 14.62 24.33 -8.35
N ARG B 180 15.58 24.60 -7.49
CA ARG B 180 16.90 24.13 -7.74
C ARG B 180 17.24 22.90 -6.88
N GLY B 181 16.48 22.68 -5.81
CA GLY B 181 16.60 21.44 -5.06
C GLY B 181 15.47 21.18 -4.10
N ILE B 182 15.11 19.91 -3.94
CA ILE B 182 14.18 19.50 -2.88
C ILE B 182 14.90 18.39 -2.10
N HIS B 183 15.09 18.63 -0.82
CA HIS B 183 15.82 17.70 0.05
C HIS B 183 14.92 17.27 1.19
N LEU B 184 14.75 15.95 1.37
CA LEU B 184 13.97 15.42 2.49
C LEU B 184 14.89 14.70 3.46
N ILE B 185 14.70 15.00 4.72
CA ILE B 185 15.45 14.34 5.77
C ILE B 185 14.48 13.72 6.77
N ASN B 186 14.78 12.49 7.16
CA ASN B 186 13.96 11.78 8.12
C ASN B 186 12.59 11.44 7.54
N GLU B 187 12.55 11.10 6.24
CA GLU B 187 11.28 10.74 5.56
C GLU B 187 10.83 9.38 5.98
N PRO B 188 9.54 9.21 6.23
CA PRO B 188 9.15 7.82 6.41
C PRO B 188 9.36 7.08 5.10
N VAL B 189 9.60 5.78 5.19
CA VAL B 189 9.83 4.91 4.04
C VAL B 189 8.75 5.04 2.94
N ILE B 190 7.49 5.14 3.33
CA ILE B 190 6.41 5.45 2.39
C ILE B 190 6.83 6.46 1.28
N PHE B 191 7.42 7.60 1.65
CA PHE B 191 7.75 8.62 0.67
C PHE B 191 8.60 8.10 -0.47
N HIS B 192 9.42 7.08 -0.23
CA HIS B 192 10.19 6.44 -1.31
C HIS B 192 9.31 5.67 -2.28
N ALA B 193 8.30 4.99 -1.77
CA ALA B 193 7.35 4.31 -2.63
C ALA B 193 6.58 5.32 -3.48
N VAL B 194 6.06 6.38 -2.84
CA VAL B 194 5.28 7.40 -3.53
C VAL B 194 6.16 7.97 -4.64
N PHE B 195 7.38 8.35 -4.30
CA PHE B 195 8.35 8.89 -5.26
C PHE B 195 8.61 7.97 -6.48
N SER B 196 8.55 6.66 -6.26
CA SER B 196 8.78 5.69 -7.32
C SER B 196 7.62 5.71 -8.28
N MET B 197 6.45 6.05 -7.76
CA MET B 197 5.22 6.06 -8.51
C MET B 197 5.11 7.30 -9.38
N ILE B 198 5.74 8.39 -8.98
CA ILE B 198 5.61 9.64 -9.74
C ILE B 198 6.83 9.92 -10.59
N LYS B 199 7.92 9.21 -10.32
CA LYS B 199 9.15 9.38 -11.12
C LYS B 199 8.92 9.45 -12.66
N PRO B 200 8.13 8.51 -13.23
CA PRO B 200 7.93 8.56 -14.67
C PRO B 200 7.32 9.88 -15.13
N PHE B 201 6.56 10.52 -14.25
CA PHE B 201 5.83 11.73 -14.57
C PHE B 201 6.73 12.96 -14.46
N LEU B 202 7.96 12.77 -13.99
CA LEU B 202 8.87 13.88 -13.73
C LEU B 202 9.96 13.95 -14.79
N THR B 203 10.37 15.18 -15.13
CA THR B 203 11.46 15.40 -16.09
C THR B 203 12.78 15.02 -15.46
N GLU B 204 13.73 14.60 -16.28
CA GLU B 204 15.02 14.15 -15.78
C GLU B 204 15.70 15.17 -14.85
N LYS B 205 15.68 16.43 -15.26
CA LYS B 205 16.32 17.54 -14.59
C LYS B 205 15.77 17.72 -13.18
N ILE B 206 14.44 17.66 -13.04
CA ILE B 206 13.81 17.69 -11.73
C ILE B 206 14.09 16.41 -10.91
N LYS B 207 14.19 15.25 -11.54
CA LYS B 207 14.44 14.01 -10.78
C LYS B 207 15.81 14.05 -10.12
N ASP B 208 16.76 14.64 -10.83
CA ASP B 208 18.09 14.82 -10.31
C ASP B 208 18.17 15.94 -9.29
N ARG B 209 17.04 16.55 -8.97
CA ARG B 209 17.01 17.62 -7.98
C ARG B 209 16.19 17.27 -6.74
N ILE B 210 15.73 16.04 -6.68
CA ILE B 210 15.00 15.57 -5.52
C ILE B 210 15.90 14.63 -4.71
N HIS B 211 16.06 14.90 -3.42
CA HIS B 211 16.99 14.11 -2.62
C HIS B 211 16.29 13.60 -1.38
N LEU B 212 16.23 12.29 -1.22
CA LEU B 212 15.70 11.72 0.01
C LEU B 212 16.88 11.17 0.85
N HIS B 213 17.15 11.82 1.98
CA HIS B 213 18.37 11.52 2.71
C HIS B 213 18.22 10.51 3.86
N GLY B 214 17.01 10.36 4.38
CA GLY B 214 16.72 9.45 5.45
C GLY B 214 17.16 9.94 6.82
N ASN B 215 17.23 9.00 7.75
CA ASN B 215 17.58 9.26 9.14
C ASN B 215 19.02 9.66 9.30
N ASN B 216 19.86 9.15 8.39
CA ASN B 216 21.30 9.37 8.40
C ASN B 216 21.74 10.47 7.46
N TYR B 217 20.87 11.45 7.29
CA TYR B 217 21.09 12.56 6.40
C TYR B 217 22.39 13.34 6.69
N LYS B 218 22.77 13.50 7.97
CA LYS B 218 23.85 14.41 8.38
C LYS B 218 24.90 14.68 7.30
N SER B 219 25.70 13.67 6.95
CA SER B 219 26.83 13.91 6.06
C SER B 219 26.41 14.23 4.61
N SER B 220 25.41 13.52 4.12
CA SER B 220 24.90 13.77 2.76
C SER B 220 24.44 15.21 2.50
N MET B 221 23.73 15.78 3.48
CA MET B 221 23.29 17.17 3.45
C MET B 221 24.43 18.16 3.65
N LEU B 222 25.41 17.78 4.45
CA LEU B 222 26.58 18.62 4.64
C LEU B 222 27.29 18.97 3.31
N GLN B 223 27.19 18.11 2.30
CA GLN B 223 27.78 18.37 1.00
C GLN B 223 27.08 19.44 0.19
N HIS B 224 25.76 19.44 0.22
CA HIS B 224 25.00 20.44 -0.47
C HIS B 224 25.12 21.79 0.19
N PHE B 225 25.22 21.78 1.52
CA PHE B 225 25.13 23.04 2.25
C PHE B 225 26.19 23.18 3.31
N PRO B 226 27.47 23.16 2.91
CA PRO B 226 28.46 23.32 3.98
C PRO B 226 28.39 24.69 4.64
N ASP B 227 28.96 24.77 5.85
CA ASP B 227 29.08 26.00 6.64
C ASP B 227 27.80 26.78 6.92
N ILE B 228 26.70 26.51 6.23
CA ILE B 228 25.52 27.40 6.34
C ILE B 228 24.28 26.87 7.07
N LEU B 229 24.30 25.62 7.51
CA LEU B 229 23.13 25.02 8.16
C LEU B 229 23.05 25.32 9.67
N PRO B 230 21.84 25.19 10.27
CA PRO B 230 21.71 25.25 11.73
C PRO B 230 22.35 24.04 12.44
N ARG B 231 22.74 24.21 13.70
CA ARG B 231 23.35 23.16 14.51
C ARG B 231 22.61 21.82 14.45
N GLU B 232 21.29 21.89 14.36
CA GLU B 232 20.46 20.68 14.39
C GLU B 232 20.77 19.78 13.21
N TYR B 233 21.25 20.38 12.12
CA TYR B 233 21.59 19.62 10.92
C TYR B 233 23.07 19.66 10.56
N GLY B 234 23.92 19.87 11.56
CA GLY B 234 25.36 19.84 11.37
C GLY B 234 26.11 21.16 11.28
N GLY B 235 25.41 22.29 11.39
CA GLY B 235 26.06 23.59 11.40
C GLY B 235 26.69 23.86 12.74
N LYS B 236 27.14 25.09 12.97
CA LYS B 236 27.75 25.42 14.26
C LYS B 236 27.52 26.83 14.79
N GLU B 237 26.97 27.71 13.95
CA GLU B 237 26.86 29.13 14.27
C GLU B 237 25.52 29.59 14.88
N PHE B 238 24.44 28.89 14.59
CA PHE B 238 23.12 29.28 15.07
C PHE B 238 22.22 28.05 15.21
N SER B 239 21.07 28.21 15.85
CA SER B 239 20.10 27.10 15.92
C SER B 239 18.92 27.34 14.99
N MET B 240 18.11 26.32 14.80
CA MET B 240 16.85 26.45 14.05
C MET B 240 15.95 27.48 14.70
N GLU B 241 15.95 27.49 16.04
CA GLU B 241 15.11 28.43 16.78
C GLU B 241 15.43 29.86 16.38
N ASP B 242 16.73 30.17 16.25
CA ASP B 242 17.18 31.49 15.82
C ASP B 242 16.57 31.91 14.48
N ILE B 243 16.66 31.03 13.47
CA ILE B 243 16.29 31.44 12.10
C ILE B 243 14.78 31.43 11.87
N CYS B 244 14.08 30.66 12.71
CA CYS B 244 12.62 30.63 12.75
C CYS B 244 12.07 31.97 13.26
N GLN B 245 12.65 32.46 14.35
CA GLN B 245 12.29 33.75 14.89
C GLN B 245 12.67 34.91 13.97
N GLU B 246 13.88 34.88 13.41
CA GLU B 246 14.30 35.91 12.47
C GLU B 246 13.37 35.97 11.28
N TRP B 247 12.99 34.81 10.76
CA TRP B 247 12.06 34.77 9.65
C TRP B 247 10.64 35.18 10.05
N THR B 248 10.21 34.81 11.24
CA THR B 248 8.88 35.20 11.69
C THR B 248 8.77 36.73 11.67
N ASN B 249 9.73 37.39 12.32
CA ASN B 249 9.77 38.83 12.40
C ASN B 249 9.76 39.48 11.04
N PHE B 250 10.55 38.91 10.11
CA PHE B 250 10.66 39.45 8.76
C PHE B 250 9.34 39.40 8.03
N ILE B 251 8.64 38.28 8.15
CA ILE B 251 7.30 38.11 7.58
C ILE B 251 6.36 39.17 8.18
N MET B 252 6.44 39.34 9.49
CA MET B 252 5.55 40.28 10.20
C MET B 252 5.82 41.74 9.91
N LYS B 253 7.08 42.09 9.62
CA LYS B 253 7.44 43.46 9.22
C LYS B 253 7.10 43.70 7.74
N SER B 254 6.81 42.61 7.04
CA SER B 254 6.36 42.64 5.66
C SER B 254 4.83 42.53 5.54
N GLU B 255 4.14 42.58 6.68
CA GLU B 255 2.70 42.30 6.72
C GLU B 255 1.88 43.32 5.98
N ASP B 256 2.42 44.54 5.88
CA ASP B 256 1.79 45.61 5.11
C ASP B 256 1.89 45.37 3.61
N TYR B 257 3.09 45.06 3.11
CA TYR B 257 3.22 44.69 1.70
C TYR B 257 2.31 43.49 1.41
N LEU B 258 2.28 42.52 2.34
CA LEU B 258 1.55 41.29 2.14
C LEU B 258 0.04 41.50 2.00
N SER B 259 -0.47 42.53 2.68
CA SER B 259 -1.84 43.01 2.51
C SER B 259 -2.04 43.55 1.11
N SER B 260 -1.07 44.32 0.63
CA SER B 260 -1.16 45.00 -0.67
C SER B 260 -1.13 44.00 -1.84
N ILE B 261 -0.70 42.77 -1.59
CA ILE B 261 -0.76 41.79 -2.65
C ILE B 261 -1.87 40.75 -2.40
N SER B 262 -2.83 41.10 -1.54
CA SER B 262 -3.97 40.23 -1.26
C SER B 262 -5.26 40.81 -1.85
N GLU B 263 -6.35 40.05 -1.80
CA GLU B 263 -7.65 40.54 -2.27
C GLU B 263 -8.73 40.25 -1.25
N PRO C 14 -13.15 -34.38 35.19
CA PRO C 14 -12.41 -34.72 33.97
C PRO C 14 -11.21 -33.77 33.74
N GLY C 15 -11.29 -32.98 32.67
CA GLY C 15 -10.29 -31.93 32.38
C GLY C 15 -10.46 -30.71 33.27
N LEU C 16 -11.62 -30.61 33.91
CA LEU C 16 -11.90 -29.57 34.90
C LEU C 16 -11.02 -29.78 36.13
N ALA C 17 -10.83 -31.07 36.46
CA ALA C 17 -9.99 -31.49 37.58
C ALA C 17 -8.54 -31.05 37.37
N GLU C 18 -8.07 -31.14 36.11
CA GLU C 18 -6.74 -30.66 35.73
C GLU C 18 -6.66 -29.14 35.72
N LEU C 19 -7.62 -28.48 35.06
CA LEU C 19 -7.61 -27.03 34.93
C LEU C 19 -7.39 -26.33 36.27
N ARG C 20 -8.23 -26.66 37.24
CA ARG C 20 -8.17 -26.09 38.60
C ARG C 20 -6.79 -26.24 39.23
N ARG C 21 -6.22 -27.44 39.14
CA ARG C 21 -4.89 -27.72 39.67
C ARG C 21 -3.84 -26.80 39.08
N ARG C 22 -3.80 -26.73 37.75
CA ARG C 22 -2.91 -25.81 37.01
C ARG C 22 -3.08 -24.38 37.51
N VAL C 23 -4.32 -23.95 37.64
CA VAL C 23 -4.68 -22.61 38.12
C VAL C 23 -4.08 -22.33 39.50
N GLN C 24 -4.21 -23.29 40.40
CA GLN C 24 -3.55 -23.18 41.69
C GLN C 24 -2.04 -22.94 41.49
N GLU C 25 -1.40 -23.83 40.72
CA GLU C 25 0.06 -23.87 40.55
C GLU C 25 0.71 -22.59 40.05
N ALA C 26 0.19 -22.05 38.96
CA ALA C 26 0.74 -20.84 38.36
C ALA C 26 0.41 -19.57 39.14
N GLY C 27 -0.37 -19.69 40.21
CA GLY C 27 -0.76 -18.53 41.00
C GLY C 27 -1.60 -17.52 40.23
N VAL C 28 -2.50 -18.04 39.39
CA VAL C 28 -3.49 -17.25 38.66
C VAL C 28 -4.27 -16.38 39.65
N PRO C 29 -4.33 -15.06 39.39
CA PRO C 29 -4.97 -14.14 40.32
C PRO C 29 -6.37 -14.60 40.74
N GLN C 30 -6.56 -14.68 42.04
CA GLN C 30 -7.79 -15.19 42.64
C GLN C 30 -8.92 -14.16 42.63
N THR C 31 -8.55 -12.89 42.40
CA THR C 31 -9.50 -11.78 42.33
C THR C 31 -9.27 -10.98 41.04
N PRO C 32 -10.27 -10.18 40.61
CA PRO C 32 -11.61 -9.97 41.20
C PRO C 32 -12.63 -11.09 40.92
N GLN C 33 -12.42 -11.84 39.83
CA GLN C 33 -13.32 -12.96 39.47
C GLN C 33 -13.07 -14.20 40.33
N PRO C 34 -14.10 -14.65 41.05
CA PRO C 34 -13.92 -15.88 41.80
C PRO C 34 -13.57 -17.00 40.85
N LEU C 35 -12.54 -17.76 41.19
CA LEU C 35 -12.12 -18.89 40.37
C LEU C 35 -13.04 -20.11 40.53
N THR C 36 -14.34 -19.90 40.32
CA THR C 36 -15.34 -20.95 40.43
C THR C 36 -15.28 -21.95 39.27
N ASP C 37 -15.97 -23.07 39.44
CA ASP C 37 -16.07 -24.08 38.40
C ASP C 37 -16.75 -23.50 37.16
N ALA C 38 -17.74 -22.64 37.39
CA ALA C 38 -18.48 -21.95 36.33
C ALA C 38 -17.56 -21.09 35.45
N PHE C 39 -16.63 -20.40 36.11
CA PHE C 39 -15.69 -19.47 35.48
C PHE C 39 -14.66 -20.24 34.67
N LEU C 40 -14.27 -21.41 35.17
CA LEU C 40 -13.28 -22.24 34.48
C LEU C 40 -13.90 -22.87 33.23
N LEU C 41 -15.17 -23.24 33.31
CA LEU C 41 -15.91 -23.81 32.17
C LEU C 41 -16.12 -22.81 31.04
N ARG C 42 -15.98 -21.52 31.33
CA ARG C 42 -15.95 -20.53 30.27
C ARG C 42 -14.82 -20.87 29.30
N PHE C 43 -13.68 -21.23 29.87
CA PHE C 43 -12.44 -21.46 29.12
C PHE C 43 -12.48 -22.82 28.45
N LEU C 44 -12.97 -23.80 29.21
CA LEU C 44 -13.17 -25.12 28.67
C LEU C 44 -14.14 -25.08 27.49
N ARG C 45 -15.28 -24.40 27.64
CA ARG C 45 -16.29 -24.33 26.57
C ARG C 45 -15.85 -23.50 25.38
N ALA C 46 -15.02 -22.51 25.60
CA ALA C 46 -14.55 -21.71 24.47
C ALA C 46 -13.57 -22.50 23.62
N ARG C 47 -13.08 -23.62 24.15
CA ARG C 47 -12.11 -24.45 23.45
C ARG C 47 -12.51 -25.91 23.36
N ASP C 48 -13.81 -26.14 23.28
CA ASP C 48 -14.39 -27.48 23.08
C ASP C 48 -13.85 -28.55 24.05
N PHE C 49 -13.51 -28.11 25.26
CA PHE C 49 -13.03 -28.99 26.33
C PHE C 49 -11.66 -29.61 26.06
N ASP C 50 -10.88 -28.96 25.21
CA ASP C 50 -9.51 -29.37 24.93
C ASP C 50 -8.61 -28.68 25.96
N LEU C 51 -8.09 -29.46 26.91
CA LEU C 51 -7.42 -28.90 28.10
C LEU C 51 -6.24 -27.99 27.80
N ASP C 52 -5.29 -28.46 27.00
CA ASP C 52 -4.15 -27.64 26.62
C ASP C 52 -4.65 -26.28 26.17
N LEU C 53 -5.61 -26.30 25.24
CA LEU C 53 -6.11 -25.08 24.59
C LEU C 53 -6.87 -24.14 25.51
N ALA C 54 -7.77 -24.68 26.34
CA ALA C 54 -8.51 -23.87 27.30
C ALA C 54 -7.57 -23.18 28.30
N TRP C 55 -6.54 -23.91 28.74
CA TRP C 55 -5.53 -23.40 29.67
C TRP C 55 -4.66 -22.33 29.04
N ARG C 56 -4.25 -22.54 27.79
CA ARG C 56 -3.49 -21.53 27.07
C ARG C 56 -4.32 -20.26 26.97
N LEU C 57 -5.64 -20.41 26.80
CA LEU C 57 -6.53 -19.25 26.72
C LEU C 57 -6.62 -18.51 28.06
N MET C 58 -6.84 -19.25 29.15
CA MET C 58 -6.83 -18.67 30.48
C MET C 58 -5.57 -17.82 30.69
N LYS C 59 -4.39 -18.40 30.43
CA LYS C 59 -3.13 -17.68 30.56
C LYS C 59 -3.09 -16.38 29.73
N ASN C 60 -3.53 -16.47 28.48
CA ASN C 60 -3.58 -15.34 27.57
C ASN C 60 -4.58 -14.28 28.06
N TYR C 61 -5.67 -14.75 28.66
CA TYR C 61 -6.69 -13.88 29.21
C TYR C 61 -6.09 -12.99 30.29
N TYR C 62 -5.38 -13.60 31.24
CA TYR C 62 -4.81 -12.86 32.36
C TYR C 62 -3.64 -11.99 31.90
N LYS C 63 -2.88 -12.53 30.95
CA LYS C 63 -1.76 -11.83 30.33
C LYS C 63 -2.22 -10.53 29.67
N TRP C 64 -3.35 -10.61 28.99
CA TRP C 64 -3.90 -9.45 28.30
C TRP C 64 -4.44 -8.37 29.25
N ARG C 65 -4.93 -8.81 30.40
CA ARG C 65 -5.52 -7.92 31.38
C ARG C 65 -4.48 -7.08 32.11
N ALA C 66 -3.34 -7.72 32.41
CA ALA C 66 -2.23 -7.08 33.09
C ALA C 66 -1.47 -6.14 32.16
N GLU C 67 -1.45 -6.48 30.87
CA GLU C 67 -0.96 -5.59 29.81
C GLU C 67 -1.87 -4.39 29.62
N CYS C 68 -3.17 -4.58 29.85
CA CYS C 68 -4.14 -3.52 29.59
C CYS C 68 -5.06 -3.23 30.77
N PRO C 69 -4.49 -2.75 31.90
CA PRO C 69 -5.33 -2.31 33.02
C PRO C 69 -6.29 -1.19 32.61
N GLU C 70 -5.86 -0.33 31.70
CA GLU C 70 -6.72 0.76 31.20
C GLU C 70 -8.00 0.22 30.59
N LEU C 71 -7.98 -1.05 30.17
CA LEU C 71 -9.19 -1.65 29.66
C LEU C 71 -9.82 -2.68 30.59
N SER C 72 -9.01 -3.52 31.21
CA SER C 72 -9.54 -4.69 31.89
C SER C 72 -9.98 -4.46 33.34
N ALA C 73 -9.44 -3.41 33.98
CA ALA C 73 -9.58 -3.23 35.42
C ALA C 73 -10.94 -2.69 35.83
N ASP C 74 -11.56 -1.95 34.91
CA ASP C 74 -12.78 -1.19 35.19
C ASP C 74 -13.90 -1.57 34.22
N LEU C 75 -14.90 -2.27 34.71
CA LEU C 75 -15.99 -2.72 33.87
C LEU C 75 -17.31 -2.04 34.25
N ARG C 76 -17.21 -1.15 35.24
CA ARG C 76 -18.32 -0.33 35.71
C ARG C 76 -18.88 0.50 34.54
N PRO C 77 -20.20 0.44 34.28
CA PRO C 77 -20.66 1.02 33.02
C PRO C 77 -20.86 2.53 33.03
N ARG C 78 -20.94 3.14 34.20
CA ARG C 78 -21.31 4.54 34.26
C ARG C 78 -20.44 5.45 33.38
N SER C 79 -19.12 5.24 33.42
CA SER C 79 -18.17 6.01 32.62
C SER C 79 -18.53 6.02 31.12
N ILE C 80 -19.31 5.05 30.66
CA ILE C 80 -19.68 4.99 29.26
C ILE C 80 -21.18 4.98 29.03
N LEU C 81 -21.92 5.33 30.06
CA LEU C 81 -23.39 5.45 29.95
C LEU C 81 -23.78 6.36 28.80
N GLY C 82 -22.97 7.39 28.55
CA GLY C 82 -23.30 8.38 27.52
C GLY C 82 -23.35 7.75 26.13
N LEU C 83 -22.45 6.80 25.94
CA LEU C 83 -22.31 6.13 24.67
C LEU C 83 -23.47 5.16 24.46
N LEU C 84 -23.95 4.55 25.53
CA LEU C 84 -25.07 3.62 25.45
C LEU C 84 -26.37 4.36 25.14
N LYS C 85 -26.54 5.50 25.81
CA LYS C 85 -27.69 6.38 25.63
C LYS C 85 -27.72 6.96 24.24
N ALA C 86 -26.54 7.14 23.63
CA ALA C 86 -26.49 7.78 22.32
C ALA C 86 -26.94 6.81 21.24
N GLY C 87 -26.84 5.51 21.52
CA GLY C 87 -27.32 4.49 20.56
C GLY C 87 -26.22 3.78 19.79
N TYR C 88 -25.04 3.71 20.40
CA TYR C 88 -23.91 3.00 19.83
C TYR C 88 -24.09 1.46 19.74
N HIS C 89 -24.89 0.88 20.65
CA HIS C 89 -24.80 -0.55 20.94
C HIS C 89 -26.10 -1.18 21.42
N GLY C 90 -26.46 -2.29 20.79
CA GLY C 90 -27.65 -3.09 21.13
C GLY C 90 -27.36 -4.54 20.83
N VAL C 91 -28.06 -5.43 21.53
CA VAL C 91 -27.92 -6.88 21.35
C VAL C 91 -29.30 -7.35 21.00
N LEU C 92 -29.40 -8.19 19.97
CA LEU C 92 -30.69 -8.68 19.47
C LEU C 92 -31.37 -9.45 20.57
N ARG C 93 -32.70 -9.42 20.55
CA ARG C 93 -33.52 -10.12 21.53
C ARG C 93 -33.48 -11.63 21.36
N SER C 94 -33.25 -12.10 20.13
CA SER C 94 -33.15 -13.54 19.82
C SER C 94 -31.71 -13.96 19.48
N ARG C 95 -31.37 -15.22 19.71
CA ARG C 95 -30.11 -15.77 19.19
C ARG C 95 -30.26 -16.00 17.68
N ASP C 96 -29.16 -16.23 16.96
CA ASP C 96 -29.33 -16.59 15.54
C ASP C 96 -29.64 -18.07 15.40
N SER C 97 -29.54 -18.61 14.19
CA SER C 97 -29.96 -19.99 13.94
C SER C 97 -29.07 -21.04 14.62
N THR C 98 -27.89 -20.62 15.10
CA THR C 98 -26.92 -21.55 15.67
C THR C 98 -26.72 -21.39 17.18
N GLY C 99 -27.48 -20.47 17.78
CA GLY C 99 -27.46 -20.26 19.22
C GLY C 99 -26.49 -19.16 19.63
N SER C 100 -25.94 -18.45 18.64
CA SER C 100 -25.04 -17.32 18.86
C SER C 100 -25.83 -16.14 19.38
N ARG C 101 -25.21 -15.38 20.27
CA ARG C 101 -25.71 -14.05 20.64
C ARG C 101 -25.28 -13.11 19.48
N VAL C 102 -26.15 -12.19 19.08
CA VAL C 102 -25.76 -11.25 18.03
C VAL C 102 -25.66 -9.82 18.56
N LEU C 103 -24.47 -9.21 18.45
CA LEU C 103 -24.22 -7.82 18.92
C LEU C 103 -24.12 -6.81 17.80
N ILE C 104 -24.72 -5.64 17.99
CA ILE C 104 -24.66 -4.55 16.99
C ILE C 104 -24.00 -3.28 17.53
N TYR C 105 -23.00 -2.83 16.79
CA TYR C 105 -22.27 -1.58 17.03
C TYR C 105 -22.49 -0.64 15.87
N ARG C 106 -22.76 0.63 16.15
CA ARG C 106 -23.04 1.65 15.13
C ARG C 106 -22.15 2.87 15.32
N ILE C 107 -21.19 3.01 14.41
CA ILE C 107 -20.19 4.07 14.42
C ILE C 107 -20.75 5.49 14.52
N ALA C 108 -21.84 5.76 13.80
CA ALA C 108 -22.48 7.08 13.79
C ALA C 108 -22.74 7.60 15.21
N TYR C 109 -23.12 6.70 16.11
CA TYR C 109 -23.51 7.05 17.47
C TYR C 109 -22.32 7.04 18.44
N TRP C 110 -21.11 6.96 17.89
CA TRP C 110 -19.86 7.19 18.63
C TRP C 110 -19.24 8.57 18.32
N ASP C 111 -19.40 9.51 19.26
CA ASP C 111 -18.72 10.79 19.21
C ASP C 111 -17.24 10.56 19.59
N PRO C 112 -16.36 10.65 18.58
CA PRO C 112 -14.93 10.42 18.84
C PRO C 112 -14.31 11.58 19.62
N LYS C 113 -15.06 12.65 19.80
CA LYS C 113 -14.56 13.79 20.56
C LYS C 113 -14.82 13.58 22.02
N VAL C 114 -15.89 12.88 22.35
CA VAL C 114 -16.28 12.64 23.75
C VAL C 114 -15.73 11.31 24.27
N PHE C 115 -15.82 10.27 23.45
CA PHE C 115 -15.33 8.96 23.84
C PHE C 115 -14.13 8.53 22.97
N THR C 116 -13.07 8.08 23.64
CA THR C 116 -11.89 7.51 22.99
C THR C 116 -12.18 6.08 22.55
N ALA C 117 -11.33 5.53 21.65
CA ALA C 117 -11.41 4.12 21.24
C ALA C 117 -11.41 3.17 22.42
N TYR C 118 -10.66 3.50 23.47
CA TYR C 118 -10.69 2.76 24.74
C TYR C 118 -12.07 2.73 25.39
N ASP C 119 -12.83 3.83 25.31
CA ASP C 119 -14.17 3.85 25.91
C ASP C 119 -15.09 2.93 25.15
N VAL C 120 -14.93 2.95 23.83
CA VAL C 120 -15.75 2.12 22.94
C VAL C 120 -15.41 0.64 23.08
N PHE C 121 -14.13 0.35 23.19
CA PHE C 121 -13.64 -0.98 23.44
C PHE C 121 -14.32 -1.49 24.72
N ARG C 122 -14.24 -0.68 25.78
CA ARG C 122 -14.78 -1.05 27.09
C ARG C 122 -16.23 -1.52 27.04
N VAL C 123 -17.04 -0.85 26.21
CA VAL C 123 -18.42 -1.27 25.97
C VAL C 123 -18.49 -2.75 25.63
N SER C 124 -17.68 -3.15 24.64
CA SER C 124 -17.63 -4.55 24.17
C SER C 124 -17.16 -5.50 25.26
N LEU C 125 -16.18 -5.06 26.03
CA LEU C 125 -15.69 -5.82 27.14
C LEU C 125 -16.84 -6.01 28.13
N ILE C 126 -17.54 -4.93 28.47
CA ILE C 126 -18.66 -5.03 29.37
C ILE C 126 -19.71 -6.04 28.85
N THR C 127 -20.11 -5.89 27.60
CA THR C 127 -21.10 -6.80 26.99
C THR C 127 -20.59 -8.25 27.00
N SER C 128 -19.31 -8.42 26.65
CA SER C 128 -18.69 -9.74 26.60
C SER C 128 -18.75 -10.41 27.97
N GLU C 129 -18.36 -9.69 29.01
CA GLU C 129 -18.38 -10.23 30.37
C GLU C 129 -19.79 -10.57 30.82
N LEU C 130 -20.79 -9.84 30.31
CA LEU C 130 -22.18 -10.12 30.65
C LEU C 130 -22.69 -11.36 29.93
N ILE C 131 -22.42 -11.45 28.64
CA ILE C 131 -22.91 -12.58 27.87
C ILE C 131 -22.12 -13.89 28.07
N VAL C 132 -20.89 -13.82 28.56
CA VAL C 132 -20.11 -15.04 28.83
C VAL C 132 -20.69 -15.94 29.95
N GLN C 133 -21.53 -15.36 30.81
CA GLN C 133 -22.24 -16.12 31.85
C GLN C 133 -23.30 -17.06 31.27
N GLU C 134 -23.80 -16.76 30.08
CA GLU C 134 -24.79 -17.59 29.43
C GLU C 134 -24.14 -18.84 28.87
N VAL C 135 -24.61 -19.99 29.34
CA VAL C 135 -24.09 -21.30 28.91
C VAL C 135 -24.28 -21.46 27.40
N GLU C 136 -25.44 -21.02 26.90
CA GLU C 136 -25.71 -21.06 25.47
C GLU C 136 -24.69 -20.26 24.66
N THR C 137 -24.28 -19.12 25.23
CA THR C 137 -23.28 -18.26 24.59
C THR C 137 -21.87 -18.83 24.68
N GLN C 138 -21.51 -19.44 25.81
CA GLN C 138 -20.26 -20.19 25.85
C GLN C 138 -20.18 -21.27 24.74
N ARG C 139 -21.32 -21.88 24.42
CA ARG C 139 -21.36 -23.00 23.48
C ARG C 139 -21.39 -22.56 22.01
N ASN C 140 -22.12 -21.48 21.74
CA ASN C 140 -22.40 -21.07 20.38
C ASN C 140 -21.81 -19.70 19.97
N GLY C 141 -21.14 -19.04 20.92
CA GLY C 141 -20.35 -17.84 20.63
C GLY C 141 -21.17 -16.63 20.24
N VAL C 142 -20.50 -15.65 19.63
CA VAL C 142 -21.14 -14.42 19.28
C VAL C 142 -20.92 -14.02 17.85
N LYS C 143 -21.79 -13.15 17.34
CA LYS C 143 -21.57 -12.55 16.03
C LYS C 143 -21.72 -11.08 16.22
N ALA C 144 -20.73 -10.34 15.74
CA ALA C 144 -20.68 -8.89 15.92
C ALA C 144 -20.96 -8.26 14.58
N ILE C 145 -21.89 -7.31 14.57
CA ILE C 145 -22.20 -6.50 13.38
C ILE C 145 -21.75 -5.08 13.65
N PHE C 146 -21.02 -4.48 12.70
CA PHE C 146 -20.60 -3.08 12.83
C PHE C 146 -21.16 -2.35 11.68
N ASP C 147 -22.12 -1.49 11.95
CA ASP C 147 -22.67 -0.64 10.92
C ASP C 147 -21.73 0.55 10.79
N LEU C 148 -20.97 0.63 9.70
CA LEU C 148 -20.00 1.72 9.54
C LEU C 148 -20.51 3.00 8.84
N GLU C 149 -21.82 3.14 8.69
CA GLU C 149 -22.35 4.40 8.19
C GLU C 149 -22.05 5.51 9.19
N GLY C 150 -21.55 6.64 8.66
CA GLY C 150 -21.15 7.77 9.50
C GLY C 150 -19.68 7.76 9.90
N TRP C 151 -18.95 6.75 9.45
CA TRP C 151 -17.51 6.67 9.65
C TRP C 151 -16.81 7.99 9.28
N GLN C 152 -16.00 8.48 10.22
CA GLN C 152 -15.26 9.75 10.07
C GLN C 152 -13.77 9.49 10.00
N VAL C 153 -13.02 10.57 9.82
CA VAL C 153 -11.57 10.52 9.85
C VAL C 153 -11.11 10.50 11.31
N SER C 154 -11.87 11.17 12.19
CA SER C 154 -11.56 11.15 13.62
C SER C 154 -11.68 9.77 14.27
N HIS C 155 -12.58 8.91 13.76
CA HIS C 155 -12.65 7.52 14.24
C HIS C 155 -11.34 6.80 13.91
N ALA C 156 -10.93 6.94 12.66
CA ALA C 156 -9.70 6.33 12.18
C ALA C 156 -8.51 6.75 13.06
N PHE C 157 -8.38 8.06 13.31
CA PHE C 157 -7.33 8.61 14.17
C PHE C 157 -7.19 7.83 15.48
N GLN C 158 -8.34 7.51 16.07
CA GLN C 158 -8.43 6.77 17.32
C GLN C 158 -7.96 5.32 17.23
N ILE C 159 -7.97 4.73 16.03
CA ILE C 159 -7.58 3.32 15.85
C ILE C 159 -6.05 3.21 15.64
N THR C 160 -5.29 3.29 16.72
CA THR C 160 -3.82 3.27 16.66
C THR C 160 -3.31 1.84 16.58
N PRO C 161 -1.99 1.65 16.33
CA PRO C 161 -1.39 0.31 16.41
C PRO C 161 -1.68 -0.41 17.73
N SER C 162 -1.51 0.28 18.85
CA SER C 162 -1.91 -0.22 20.16
C SER C 162 -3.33 -0.80 20.13
N VAL C 163 -4.27 0.04 19.71
CA VAL C 163 -5.69 -0.36 19.59
C VAL C 163 -5.94 -1.50 18.60
N ALA C 164 -5.35 -1.41 17.41
CA ALA C 164 -5.43 -2.50 16.44
C ALA C 164 -4.99 -3.82 17.07
N LYS C 165 -3.84 -3.79 17.77
CA LYS C 165 -3.29 -4.99 18.41
C LYS C 165 -4.23 -5.65 19.42
N LYS C 166 -4.93 -4.82 20.19
CA LYS C 166 -5.79 -5.29 21.25
C LYS C 166 -7.11 -5.78 20.66
N ILE C 167 -7.54 -5.17 19.55
CA ILE C 167 -8.71 -5.67 18.82
C ILE C 167 -8.42 -7.10 18.36
N ALA C 168 -7.17 -7.32 17.95
CA ALA C 168 -6.75 -8.61 17.43
C ALA C 168 -6.77 -9.67 18.54
N ALA C 169 -6.05 -9.42 19.64
CA ALA C 169 -5.93 -10.34 20.78
C ALA C 169 -7.28 -10.78 21.35
N VAL C 170 -8.19 -9.84 21.46
CA VAL C 170 -9.51 -10.11 21.97
C VAL C 170 -10.29 -11.06 21.04
N LEU C 171 -9.74 -11.31 19.85
CA LEU C 171 -10.25 -12.39 19.01
C LEU C 171 -9.15 -13.40 18.67
N THR C 172 -7.96 -13.21 19.24
CA THR C 172 -6.82 -14.09 19.04
C THR C 172 -6.45 -14.84 20.33
N ASP C 173 -7.35 -15.72 20.77
CA ASP C 173 -7.02 -16.59 21.89
C ASP C 173 -6.73 -15.77 23.16
N SER C 174 -7.48 -14.68 23.39
CA SER C 174 -7.31 -13.88 24.62
C SER C 174 -8.60 -13.50 25.38
N PHE C 175 -9.77 -13.92 24.90
CA PHE C 175 -11.02 -13.75 25.66
C PHE C 175 -11.91 -15.00 25.49
N PRO C 176 -12.49 -15.51 26.61
CA PRO C 176 -13.30 -16.76 26.53
C PRO C 176 -14.64 -16.64 25.78
N LEU C 177 -14.60 -16.17 24.52
CA LEU C 177 -15.76 -16.20 23.59
C LEU C 177 -15.37 -16.59 22.18
N LYS C 178 -16.18 -17.45 21.57
CA LYS C 178 -15.96 -17.89 20.19
C LYS C 178 -16.53 -16.87 19.25
N VAL C 179 -15.67 -16.27 18.42
CA VAL C 179 -16.14 -15.35 17.40
C VAL C 179 -16.59 -16.15 16.18
N ARG C 180 -17.90 -16.23 16.01
CA ARG C 180 -18.48 -17.03 14.93
C ARG C 180 -18.65 -16.24 13.66
N GLY C 181 -18.57 -14.91 13.76
CA GLY C 181 -18.77 -14.04 12.62
C GLY C 181 -18.68 -12.55 12.90
N ILE C 182 -17.98 -11.84 12.02
CA ILE C 182 -17.86 -10.40 12.06
C ILE C 182 -18.53 -9.93 10.79
N HIS C 183 -19.56 -9.09 10.92
CA HIS C 183 -20.26 -8.53 9.76
C HIS C 183 -20.05 -7.04 9.77
N LEU C 184 -19.60 -6.49 8.65
CA LEU C 184 -19.50 -5.03 8.50
C LEU C 184 -20.46 -4.54 7.42
N ILE C 185 -21.27 -3.55 7.76
CA ILE C 185 -22.13 -2.93 6.75
C ILE C 185 -21.82 -1.43 6.57
N ASN C 186 -21.88 -0.99 5.32
CA ASN C 186 -21.65 0.41 4.97
C ASN C 186 -20.21 0.83 5.18
N GLU C 187 -19.28 -0.12 5.11
CA GLU C 187 -17.84 0.18 5.21
C GLU C 187 -17.46 1.08 4.07
N PRO C 188 -16.58 2.05 4.32
CA PRO C 188 -15.99 2.81 3.22
C PRO C 188 -15.05 1.94 2.39
N VAL C 189 -15.02 2.22 1.09
CA VAL C 189 -14.19 1.54 0.11
C VAL C 189 -12.84 1.07 0.65
N ILE C 190 -12.18 1.93 1.42
CA ILE C 190 -10.88 1.63 2.04
C ILE C 190 -10.88 0.30 2.78
N PHE C 191 -11.89 0.04 3.61
CA PHE C 191 -11.98 -1.20 4.37
C PHE C 191 -11.71 -2.42 3.49
N HIS C 192 -12.19 -2.40 2.25
CA HIS C 192 -11.88 -3.48 1.32
C HIS C 192 -10.43 -3.52 0.95
N ALA C 193 -9.82 -2.36 0.70
CA ALA C 193 -8.37 -2.28 0.51
C ALA C 193 -7.64 -2.73 1.79
N VAL C 194 -7.90 -2.04 2.91
CA VAL C 194 -7.50 -2.54 4.22
C VAL C 194 -7.66 -4.07 4.28
N PHE C 195 -8.58 -4.66 3.50
CA PHE C 195 -8.93 -6.09 3.63
C PHE C 195 -8.53 -7.02 2.46
N SER C 196 -8.42 -6.48 1.26
CA SER C 196 -7.89 -7.22 0.09
C SER C 196 -6.46 -7.62 0.37
N MET C 197 -5.82 -6.80 1.19
CA MET C 197 -4.45 -6.95 1.66
C MET C 197 -4.41 -7.76 2.98
N ILE C 198 -5.49 -8.47 3.28
CA ILE C 198 -5.48 -9.36 4.43
C ILE C 198 -6.16 -10.69 4.09
N LYS C 199 -7.13 -10.65 3.19
CA LYS C 199 -7.83 -11.88 2.77
C LYS C 199 -6.89 -13.08 2.55
N PRO C 200 -5.91 -12.97 1.64
CA PRO C 200 -5.09 -14.16 1.36
C PRO C 200 -3.93 -14.31 2.33
N PHE C 201 -3.60 -13.22 3.02
CA PHE C 201 -2.69 -13.21 4.14
C PHE C 201 -3.27 -14.08 5.27
N LEU C 202 -4.60 -13.99 5.46
CA LEU C 202 -5.34 -14.65 6.57
C LEU C 202 -5.40 -16.15 6.48
N THR C 203 -5.77 -16.78 7.58
CA THR C 203 -6.02 -18.23 7.61
C THR C 203 -7.32 -18.53 6.86
N GLU C 204 -7.58 -19.82 6.63
CA GLU C 204 -8.84 -20.24 6.02
C GLU C 204 -9.98 -20.13 7.03
N LYS C 205 -9.63 -20.29 8.31
CA LYS C 205 -10.57 -20.22 9.43
C LYS C 205 -11.31 -18.90 9.50
N ILE C 206 -10.70 -17.91 10.16
CA ILE C 206 -11.38 -16.64 10.34
C ILE C 206 -11.29 -15.81 9.08
N LYS C 207 -11.86 -16.36 8.00
CA LYS C 207 -11.98 -15.69 6.68
C LYS C 207 -13.32 -16.04 6.07
N ASP C 208 -13.86 -17.19 6.47
CA ASP C 208 -15.23 -17.54 6.14
C ASP C 208 -16.16 -16.93 7.17
N ARG C 209 -15.59 -16.17 8.11
CA ARG C 209 -16.36 -15.55 9.17
C ARG C 209 -16.37 -14.02 9.14
N ILE C 210 -15.67 -13.44 8.18
CA ILE C 210 -15.63 -12.00 8.05
C ILE C 210 -16.41 -11.65 6.82
N HIS C 211 -17.48 -10.90 7.00
CA HIS C 211 -18.34 -10.57 5.87
C HIS C 211 -18.43 -9.06 5.71
N LEU C 212 -18.07 -8.58 4.53
CA LEU C 212 -18.22 -7.17 4.20
C LEU C 212 -19.42 -7.06 3.27
N HIS C 213 -20.51 -6.45 3.74
CA HIS C 213 -21.78 -6.45 2.98
C HIS C 213 -21.92 -5.22 2.07
N GLY C 214 -21.15 -4.17 2.37
CA GLY C 214 -21.21 -2.90 1.65
C GLY C 214 -22.53 -2.17 1.79
N ASN C 215 -22.80 -1.28 0.85
CA ASN C 215 -24.07 -0.54 0.76
C ASN C 215 -25.30 -1.44 0.55
N ASN C 216 -25.15 -2.43 -0.33
CA ASN C 216 -26.26 -3.30 -0.72
C ASN C 216 -26.30 -4.52 0.19
N TYR C 217 -26.75 -4.30 1.42
CA TYR C 217 -26.55 -5.25 2.49
C TYR C 217 -27.82 -6.00 2.90
N LYS C 218 -28.97 -5.41 2.60
CA LYS C 218 -30.29 -5.89 3.05
C LYS C 218 -30.44 -7.39 2.85
N SER C 219 -30.29 -7.86 1.60
CA SER C 219 -30.52 -9.25 1.23
C SER C 219 -29.59 -10.24 1.94
N SER C 220 -28.27 -10.02 1.81
CA SER C 220 -27.27 -10.91 2.46
C SER C 220 -27.40 -10.93 3.99
N MET C 221 -27.56 -9.75 4.61
CA MET C 221 -27.89 -9.70 6.04
C MET C 221 -29.10 -10.55 6.39
N LEU C 222 -30.15 -10.50 5.57
CA LEU C 222 -31.35 -11.26 5.88
C LEU C 222 -31.12 -12.77 5.78
N GLN C 223 -30.14 -13.16 4.99
CA GLN C 223 -29.84 -14.57 4.77
C GLN C 223 -29.11 -15.18 5.95
N HIS C 224 -28.27 -14.36 6.61
CA HIS C 224 -27.52 -14.79 7.78
C HIS C 224 -28.37 -14.73 9.04
N PHE C 225 -29.31 -13.77 9.08
CA PHE C 225 -30.10 -13.54 10.29
C PHE C 225 -31.59 -13.38 10.02
N PRO C 226 -32.25 -14.41 9.45
CA PRO C 226 -33.67 -14.27 9.17
C PRO C 226 -34.50 -14.03 10.43
N ASP C 227 -35.63 -13.33 10.26
CA ASP C 227 -36.67 -13.12 11.29
C ASP C 227 -36.24 -12.47 12.63
N ILE C 228 -34.98 -12.07 12.76
CA ILE C 228 -34.48 -11.53 14.03
C ILE C 228 -33.83 -10.12 14.03
N LEU C 229 -33.69 -9.49 12.86
CA LEU C 229 -33.05 -8.18 12.76
C LEU C 229 -34.02 -7.02 12.99
N PRO C 230 -33.52 -5.87 13.47
CA PRO C 230 -34.30 -4.64 13.62
C PRO C 230 -34.74 -4.13 12.27
N ARG C 231 -35.79 -3.31 12.26
CA ARG C 231 -36.30 -2.72 11.04
C ARG C 231 -35.23 -2.05 10.18
N GLU C 232 -34.26 -1.39 10.80
CA GLU C 232 -33.21 -0.68 10.06
C GLU C 232 -32.45 -1.60 9.12
N TYR C 233 -32.28 -2.85 9.51
CA TYR C 233 -31.48 -3.78 8.74
C TYR C 233 -32.30 -4.88 8.06
N GLY C 234 -33.63 -4.71 8.05
CA GLY C 234 -34.50 -5.58 7.27
C GLY C 234 -35.68 -6.20 7.97
N GLY C 235 -35.56 -6.40 9.29
CA GLY C 235 -36.64 -7.00 10.10
C GLY C 235 -37.90 -6.14 10.20
N LYS C 236 -38.81 -6.54 11.09
CA LYS C 236 -40.13 -5.91 11.13
C LYS C 236 -40.81 -5.89 12.50
N GLU C 237 -40.11 -6.39 13.52
CA GLU C 237 -40.69 -6.46 14.87
C GLU C 237 -40.31 -5.33 15.81
N PHE C 238 -39.10 -4.78 15.65
CA PHE C 238 -38.57 -3.79 16.55
C PHE C 238 -37.53 -2.89 15.87
N SER C 239 -37.02 -1.88 16.59
CA SER C 239 -36.06 -0.94 16.00
C SER C 239 -34.74 -0.99 16.75
N MET C 240 -33.69 -0.43 16.14
CA MET C 240 -32.40 -0.27 16.80
C MET C 240 -32.52 0.47 18.14
N GLU C 241 -33.34 1.53 18.16
CA GLU C 241 -33.55 2.32 19.36
C GLU C 241 -34.10 1.47 20.50
N ASP C 242 -35.05 0.57 20.19
CA ASP C 242 -35.59 -0.39 21.16
C ASP C 242 -34.53 -1.29 21.79
N ILE C 243 -33.71 -1.91 20.95
CA ILE C 243 -32.74 -2.86 21.46
C ILE C 243 -31.57 -2.15 22.13
N CYS C 244 -31.27 -0.93 21.69
CA CYS C 244 -30.29 -0.09 22.36
C CYS C 244 -30.68 0.25 23.79
N GLN C 245 -31.94 0.59 24.00
CA GLN C 245 -32.47 0.92 25.32
C GLN C 245 -32.58 -0.33 26.21
N GLU C 246 -32.91 -1.48 25.61
CA GLU C 246 -33.07 -2.74 26.33
C GLU C 246 -31.73 -3.26 26.84
N TRP C 247 -30.68 -3.02 26.05
CA TRP C 247 -29.39 -3.52 26.40
C TRP C 247 -28.71 -2.57 27.37
N THR C 248 -29.04 -1.30 27.24
CA THR C 248 -28.58 -0.28 28.16
C THR C 248 -29.26 -0.48 29.50
N ASN C 249 -30.57 -0.69 29.50
CA ASN C 249 -31.24 -0.97 30.75
C ASN C 249 -30.63 -2.20 31.42
N PHE C 250 -30.29 -3.20 30.62
CA PHE C 250 -29.68 -4.40 31.13
C PHE C 250 -28.33 -4.10 31.77
N ILE C 251 -27.46 -3.47 31.00
CA ILE C 251 -26.13 -3.10 31.47
C ILE C 251 -26.17 -2.30 32.77
N MET C 252 -27.16 -1.43 32.91
CA MET C 252 -27.28 -0.67 34.15
C MET C 252 -27.83 -1.55 35.25
N LYS C 253 -28.82 -2.38 34.94
CA LYS C 253 -29.35 -3.31 35.95
C LYS C 253 -28.29 -4.28 36.48
N SER C 254 -27.11 -4.26 35.85
CA SER C 254 -26.03 -5.15 36.18
C SER C 254 -24.81 -4.41 36.67
N GLU C 255 -24.98 -3.17 37.16
CA GLU C 255 -23.81 -2.40 37.54
C GLU C 255 -23.10 -2.86 38.83
N ASP C 256 -23.87 -3.41 39.78
CA ASP C 256 -23.28 -4.02 40.98
C ASP C 256 -22.42 -5.23 40.57
N TYR C 257 -22.98 -6.09 39.73
CA TYR C 257 -22.21 -7.21 39.22
C TYR C 257 -20.97 -6.72 38.46
N LEU C 258 -21.10 -5.66 37.67
CA LEU C 258 -19.92 -5.15 36.96
C LEU C 258 -18.85 -4.55 37.87
N SER C 259 -19.24 -4.11 39.07
CA SER C 259 -18.29 -3.69 40.11
C SER C 259 -17.57 -4.87 40.77
N SER C 260 -18.36 -5.87 41.16
CA SER C 260 -17.85 -7.10 41.76
C SER C 260 -16.68 -7.70 40.96
N ILE C 261 -16.75 -7.57 39.64
CA ILE C 261 -15.71 -8.14 38.80
C ILE C 261 -14.70 -7.07 38.31
N SER C 262 -14.70 -5.93 39.00
CA SER C 262 -13.74 -4.83 38.75
C SER C 262 -12.66 -4.71 39.83
N GLU C 263 -11.48 -4.28 39.42
CA GLU C 263 -10.35 -4.12 40.34
C GLU C 263 -10.54 -3.07 41.47
N GLN D 13 18.08 -35.99 31.42
CA GLN D 13 17.67 -34.58 31.14
C GLN D 13 16.23 -34.33 31.59
N PRO D 14 15.99 -33.14 32.20
CA PRO D 14 14.70 -32.84 32.82
C PRO D 14 13.56 -32.80 31.81
N GLY D 15 12.82 -33.90 31.74
CA GLY D 15 11.67 -34.02 30.85
C GLY D 15 11.91 -34.85 29.61
N LEU D 16 13.08 -35.48 29.53
CA LEU D 16 13.45 -36.32 28.39
C LEU D 16 12.57 -37.56 28.33
N ALA D 17 12.43 -38.24 29.46
CA ALA D 17 11.54 -39.39 29.59
C ALA D 17 10.07 -38.99 29.38
N GLU D 18 9.67 -37.90 30.04
CA GLU D 18 8.31 -37.35 29.98
C GLU D 18 7.79 -37.06 28.57
N LEU D 19 8.64 -36.45 27.74
CA LEU D 19 8.27 -36.09 26.38
C LEU D 19 7.88 -37.33 25.57
N ARG D 20 8.78 -38.33 25.52
CA ARG D 20 8.50 -39.56 24.77
C ARG D 20 7.15 -40.11 25.16
N ARG D 21 6.85 -40.09 26.45
CA ARG D 21 5.58 -40.58 26.95
C ARG D 21 4.40 -39.92 26.22
N ARG D 22 4.38 -38.59 26.22
CA ARG D 22 3.35 -37.82 25.52
C ARG D 22 3.26 -38.12 24.02
N VAL D 23 4.41 -38.40 23.41
CA VAL D 23 4.51 -38.78 21.99
C VAL D 23 3.89 -40.16 21.75
N GLN D 24 4.17 -41.08 22.67
CA GLN D 24 3.62 -42.42 22.61
C GLN D 24 2.11 -42.38 22.84
N GLU D 25 1.66 -41.45 23.68
CA GLU D 25 0.23 -41.30 23.99
C GLU D 25 -0.55 -40.67 22.82
N ALA D 26 0.11 -39.77 22.09
CA ALA D 26 -0.47 -39.15 20.89
C ALA D 26 -0.25 -39.98 19.62
N GLY D 27 0.65 -40.96 19.70
CA GLY D 27 0.95 -41.87 18.59
C GLY D 27 1.58 -41.19 17.39
N VAL D 28 2.41 -40.19 17.67
CA VAL D 28 3.05 -39.34 16.66
C VAL D 28 3.83 -40.21 15.68
N PRO D 29 3.49 -40.12 14.37
CA PRO D 29 4.06 -40.92 13.29
C PRO D 29 5.47 -41.39 13.58
N GLN D 30 5.66 -42.70 13.52
CA GLN D 30 6.94 -43.32 13.87
C GLN D 30 8.07 -42.82 12.97
N THR D 31 7.74 -42.59 11.70
CA THR D 31 8.70 -42.16 10.68
C THR D 31 8.16 -40.94 9.94
N PRO D 32 8.91 -40.38 8.97
CA PRO D 32 10.25 -40.75 8.48
C PRO D 32 11.39 -40.44 9.45
N GLN D 33 11.14 -39.61 10.45
CA GLN D 33 12.11 -39.34 11.52
C GLN D 33 11.86 -40.27 12.69
N PRO D 34 12.79 -41.23 12.95
CA PRO D 34 12.60 -42.11 14.09
C PRO D 34 12.68 -41.32 15.40
N LEU D 35 11.74 -41.60 16.31
CA LEU D 35 11.62 -40.87 17.57
C LEU D 35 12.72 -41.31 18.54
N THR D 36 13.96 -41.00 18.16
CA THR D 36 15.15 -41.34 18.93
C THR D 36 15.33 -40.32 20.04
N ASP D 37 16.13 -40.69 21.04
CA ASP D 37 16.46 -39.79 22.14
C ASP D 37 17.04 -38.48 21.62
N ALA D 38 17.85 -38.60 20.56
CA ALA D 38 18.54 -37.47 19.93
C ALA D 38 17.61 -36.51 19.19
N PHE D 39 16.54 -37.05 18.61
CA PHE D 39 15.56 -36.26 17.83
C PHE D 39 14.62 -35.45 18.72
N LEU D 40 14.26 -36.02 19.87
CA LEU D 40 13.41 -35.32 20.82
C LEU D 40 14.17 -34.11 21.40
N LEU D 41 15.42 -34.36 21.83
CA LEU D 41 16.28 -33.35 22.42
C LEU D 41 16.15 -32.01 21.73
N ARG D 42 16.20 -32.03 20.41
CA ARG D 42 16.07 -30.84 19.58
C ARG D 42 14.99 -29.86 20.09
N PHE D 43 13.81 -30.40 20.40
CA PHE D 43 12.66 -29.59 20.82
C PHE D 43 12.79 -29.08 22.26
N LEU D 44 13.45 -29.87 23.10
CA LEU D 44 13.79 -29.44 24.46
C LEU D 44 14.86 -28.35 24.43
N ARG D 45 15.96 -28.61 23.72
CA ARG D 45 17.06 -27.66 23.59
C ARG D 45 16.57 -26.37 22.96
N ALA D 46 15.55 -26.48 22.12
CA ALA D 46 14.95 -25.32 21.46
C ALA D 46 14.18 -24.44 22.44
N ARG D 47 13.63 -25.05 23.48
CA ARG D 47 12.78 -24.33 24.42
C ARG D 47 13.39 -24.35 25.82
N ASP D 48 14.72 -24.49 25.87
CA ASP D 48 15.51 -24.47 27.11
C ASP D 48 15.03 -25.48 28.15
N PHE D 49 14.77 -26.69 27.67
CA PHE D 49 14.29 -27.81 28.48
C PHE D 49 12.98 -27.53 29.23
N ASP D 50 12.14 -26.64 28.69
CA ASP D 50 10.80 -26.43 29.22
C ASP D 50 9.84 -27.46 28.63
N LEU D 51 9.45 -28.41 29.46
CA LEU D 51 8.60 -29.54 29.11
C LEU D 51 7.32 -29.16 28.35
N ASP D 52 6.61 -28.15 28.86
CA ASP D 52 5.37 -27.66 28.24
C ASP D 52 5.61 -26.98 26.89
N LEU D 53 6.66 -26.17 26.82
CA LEU D 53 6.96 -25.45 25.58
C LEU D 53 7.61 -26.34 24.49
N ALA D 54 8.43 -27.30 24.91
CA ALA D 54 9.05 -28.27 24.00
C ALA D 54 7.96 -29.01 23.22
N TRP D 55 7.00 -29.53 23.98
CA TRP D 55 5.81 -30.21 23.44
C TRP D 55 5.04 -29.40 22.40
N ARG D 56 4.60 -28.19 22.77
CA ARG D 56 3.84 -27.32 21.84
C ARG D 56 4.53 -27.22 20.49
N LEU D 57 5.84 -26.96 20.52
CA LEU D 57 6.65 -26.89 19.33
C LEU D 57 6.55 -28.18 18.51
N MET D 58 6.78 -29.32 19.17
CA MET D 58 6.79 -30.63 18.50
C MET D 58 5.44 -30.97 17.86
N LYS D 59 4.35 -30.55 18.52
CA LYS D 59 3.00 -30.64 17.95
C LYS D 59 2.92 -29.78 16.70
N ASN D 60 3.37 -28.53 16.81
CA ASN D 60 3.35 -27.57 15.71
C ASN D 60 4.29 -27.91 14.57
N TYR D 61 5.36 -28.64 14.89
CA TYR D 61 6.34 -29.09 13.89
C TYR D 61 5.72 -30.13 12.94
N TYR D 62 5.06 -31.14 13.51
CA TYR D 62 4.37 -32.15 12.73
C TYR D 62 3.10 -31.61 12.08
N LYS D 63 2.44 -30.70 12.80
CA LYS D 63 1.28 -29.94 12.32
C LYS D 63 1.64 -29.17 11.03
N TRP D 64 2.78 -28.48 11.06
CA TRP D 64 3.27 -27.76 9.89
C TRP D 64 3.76 -28.71 8.78
N ARG D 65 4.24 -29.89 9.17
CA ARG D 65 4.69 -30.88 8.20
C ARG D 65 3.53 -31.45 7.36
N ALA D 66 2.37 -31.65 7.97
CA ALA D 66 1.21 -32.18 7.28
C ALA D 66 0.46 -31.13 6.43
N GLU D 67 0.59 -29.86 6.81
CA GLU D 67 -0.06 -28.77 6.08
C GLU D 67 0.67 -28.47 4.79
N CYS D 68 1.99 -28.65 4.80
CA CYS D 68 2.84 -28.34 3.63
C CYS D 68 3.52 -29.59 3.05
N PRO D 69 2.77 -30.64 2.69
CA PRO D 69 3.43 -31.83 2.16
C PRO D 69 4.42 -31.49 1.05
N GLU D 70 4.03 -30.59 0.14
CA GLU D 70 4.88 -30.24 -0.99
C GLU D 70 6.17 -29.52 -0.61
N LEU D 71 6.33 -29.23 0.68
CA LEU D 71 7.61 -28.71 1.24
C LEU D 71 8.39 -29.71 2.11
N SER D 72 7.70 -30.36 3.05
CA SER D 72 8.34 -31.21 4.08
C SER D 72 8.51 -32.68 3.70
N ALA D 73 7.81 -33.13 2.65
CA ALA D 73 7.87 -34.53 2.26
C ALA D 73 9.23 -34.92 1.68
N ASP D 74 9.68 -34.14 0.68
CA ASP D 74 10.95 -34.37 0.02
C ASP D 74 12.04 -33.43 0.56
N LEU D 75 13.10 -34.02 1.12
CA LEU D 75 14.32 -33.30 1.54
C LEU D 75 15.55 -33.82 0.78
N ARG D 76 15.29 -34.43 -0.39
CA ARG D 76 16.34 -34.87 -1.27
C ARG D 76 16.94 -33.64 -1.96
N PRO D 77 18.23 -33.37 -1.70
CA PRO D 77 18.89 -32.17 -2.23
C PRO D 77 19.03 -32.10 -3.75
N ARG D 78 19.02 -33.25 -4.42
CA ARG D 78 19.43 -33.32 -5.84
C ARG D 78 18.53 -32.53 -6.77
N SER D 79 17.28 -32.32 -6.36
CA SER D 79 16.37 -31.45 -7.09
C SER D 79 16.88 -30.01 -7.11
N ILE D 80 17.47 -29.56 -6.02
CA ILE D 80 18.01 -28.19 -5.91
C ILE D 80 19.53 -28.06 -6.09
N LEU D 81 20.20 -29.15 -6.47
CA LEU D 81 21.66 -29.13 -6.62
C LEU D 81 22.14 -27.97 -7.47
N GLY D 82 21.41 -27.69 -8.56
CA GLY D 82 21.79 -26.64 -9.51
C GLY D 82 21.68 -25.25 -8.90
N LEU D 83 20.76 -25.12 -7.95
CA LEU D 83 20.51 -23.87 -7.23
C LEU D 83 21.68 -23.60 -6.32
N LEU D 84 22.13 -24.67 -5.64
CA LEU D 84 23.33 -24.63 -4.80
C LEU D 84 24.56 -24.35 -5.64
N LYS D 85 24.67 -25.05 -6.79
CA LYS D 85 25.76 -24.88 -7.77
C LYS D 85 25.92 -23.42 -8.19
N ALA D 86 24.79 -22.75 -8.40
CA ALA D 86 24.75 -21.36 -8.83
C ALA D 86 25.33 -20.41 -7.79
N GLY D 87 25.32 -20.83 -6.53
CA GLY D 87 25.95 -20.10 -5.43
C GLY D 87 24.99 -19.25 -4.64
N TYR D 88 23.75 -19.73 -4.57
CA TYR D 88 22.67 -19.02 -3.90
C TYR D 88 22.84 -18.92 -2.39
N HIS D 89 23.44 -19.95 -1.80
CA HIS D 89 23.38 -20.17 -0.36
C HIS D 89 24.71 -20.69 0.12
N GLY D 90 25.15 -20.17 1.27
CA GLY D 90 26.41 -20.55 1.89
C GLY D 90 26.30 -20.44 3.40
N VAL D 91 27.20 -21.11 4.11
CA VAL D 91 27.25 -21.07 5.58
C VAL D 91 28.68 -20.86 6.03
N LEU D 92 28.85 -19.97 7.01
CA LEU D 92 30.16 -19.61 7.51
C LEU D 92 30.92 -20.80 8.06
N ARG D 93 32.23 -20.81 7.82
CA ARG D 93 33.14 -21.85 8.31
C ARG D 93 33.24 -21.83 9.83
N SER D 94 32.94 -20.68 10.43
CA SER D 94 32.96 -20.57 11.89
C SER D 94 31.62 -20.13 12.47
N ARG D 95 31.41 -20.47 13.74
CA ARG D 95 30.27 -19.98 14.52
C ARG D 95 30.52 -18.52 14.90
N ASP D 96 29.48 -17.84 15.37
CA ASP D 96 29.66 -16.45 15.81
C ASP D 96 30.10 -16.41 17.29
N SER D 97 30.31 -15.20 17.81
CA SER D 97 30.73 -14.98 19.20
C SER D 97 29.74 -15.50 20.26
N THR D 98 28.54 -15.90 19.83
CA THR D 98 27.55 -16.51 20.72
C THR D 98 27.29 -17.98 20.37
N GLY D 99 28.02 -18.50 19.38
CA GLY D 99 27.89 -19.88 18.96
C GLY D 99 26.80 -20.15 17.94
N SER D 100 26.16 -19.09 17.46
CA SER D 100 25.13 -19.22 16.42
C SER D 100 25.75 -19.65 15.11
N ARG D 101 25.02 -20.47 14.37
CA ARG D 101 25.39 -20.81 13.00
C ARG D 101 24.88 -19.67 12.11
N VAL D 102 25.74 -19.15 11.25
CA VAL D 102 25.33 -18.04 10.38
C VAL D 102 25.03 -18.53 8.97
N LEU D 103 23.89 -18.11 8.43
CA LEU D 103 23.45 -18.61 7.15
C LEU D 103 23.29 -17.43 6.21
N ILE D 104 23.81 -17.59 5.00
CA ILE D 104 23.74 -16.54 3.99
C ILE D 104 22.91 -17.02 2.80
N TYR D 105 22.04 -16.12 2.34
CA TYR D 105 21.25 -16.34 1.15
C TYR D 105 21.43 -15.16 0.21
N ARG D 106 21.74 -15.48 -1.05
CA ARG D 106 22.00 -14.47 -2.06
C ARG D 106 21.00 -14.61 -3.20
N ILE D 107 19.99 -13.74 -3.17
CA ILE D 107 18.87 -13.80 -4.12
C ILE D 107 19.31 -13.64 -5.58
N ALA D 108 20.40 -12.89 -5.80
CA ALA D 108 20.94 -12.66 -7.14
C ALA D 108 21.09 -13.92 -8.00
N TYR D 109 21.49 -15.03 -7.37
CA TYR D 109 21.74 -16.30 -8.06
C TYR D 109 20.57 -17.29 -7.92
N TRP D 110 19.42 -16.76 -7.52
CA TRP D 110 18.16 -17.47 -7.67
C TRP D 110 17.48 -17.00 -8.95
N ASP D 111 17.30 -17.93 -9.88
CA ASP D 111 16.63 -17.69 -11.15
C ASP D 111 15.17 -18.15 -11.08
N PRO D 112 14.24 -17.18 -10.92
CA PRO D 112 12.80 -17.49 -10.79
C PRO D 112 12.21 -18.16 -12.05
N LYS D 113 13.02 -18.20 -13.12
CA LYS D 113 12.68 -18.88 -14.36
C LYS D 113 13.05 -20.35 -14.31
N VAL D 114 13.88 -20.74 -13.33
CA VAL D 114 14.33 -22.12 -13.19
C VAL D 114 13.90 -22.74 -11.85
N PHE D 115 13.89 -21.94 -10.80
CA PHE D 115 13.54 -22.44 -9.47
C PHE D 115 12.52 -21.55 -8.81
N THR D 116 11.55 -22.18 -8.14
CA THR D 116 10.43 -21.50 -7.51
C THR D 116 10.71 -21.18 -6.04
N ALA D 117 9.75 -20.53 -5.39
CA ALA D 117 9.84 -20.24 -3.97
C ALA D 117 9.86 -21.52 -3.15
N TYR D 118 9.06 -22.50 -3.57
CA TYR D 118 9.03 -23.81 -2.92
C TYR D 118 10.40 -24.46 -3.00
N ASP D 119 11.09 -24.26 -4.12
CA ASP D 119 12.43 -24.80 -4.33
C ASP D 119 13.44 -24.13 -3.37
N VAL D 120 13.54 -22.81 -3.43
CA VAL D 120 14.44 -22.07 -2.56
C VAL D 120 14.12 -22.33 -1.08
N PHE D 121 12.84 -22.53 -0.79
CA PHE D 121 12.42 -22.92 0.55
C PHE D 121 13.09 -24.22 0.96
N ARG D 122 12.91 -25.25 0.13
CA ARG D 122 13.50 -26.59 0.32
C ARG D 122 14.98 -26.52 0.72
N VAL D 123 15.74 -25.60 0.12
CA VAL D 123 17.16 -25.42 0.49
C VAL D 123 17.31 -25.10 1.97
N SER D 124 16.58 -24.10 2.44
CA SER D 124 16.56 -23.72 3.86
C SER D 124 16.06 -24.87 4.73
N LEU D 125 15.14 -25.64 4.21
CA LEU D 125 14.57 -26.73 4.97
C LEU D 125 15.62 -27.84 5.13
N ILE D 126 16.46 -28.01 4.11
CA ILE D 126 17.54 -29.00 4.14
C ILE D 126 18.64 -28.56 5.08
N THR D 127 19.13 -27.33 4.90
CA THR D 127 20.17 -26.81 5.78
C THR D 127 19.76 -26.96 7.25
N SER D 128 18.57 -26.47 7.58
CA SER D 128 18.01 -26.56 8.93
C SER D 128 18.05 -27.98 9.54
N GLU D 129 17.58 -28.96 8.80
CA GLU D 129 17.57 -30.32 9.31
C GLU D 129 18.98 -30.80 9.54
N LEU D 130 19.93 -30.33 8.73
CA LEU D 130 21.32 -30.79 8.89
C LEU D 130 21.94 -30.19 10.13
N ILE D 131 21.76 -28.88 10.30
CA ILE D 131 22.44 -28.17 11.36
C ILE D 131 21.83 -28.39 12.73
N VAL D 132 20.53 -28.68 12.78
CA VAL D 132 19.88 -29.04 14.06
C VAL D 132 20.48 -30.29 14.70
N GLN D 133 21.08 -31.16 13.88
CA GLN D 133 21.77 -32.37 14.37
C GLN D 133 22.88 -32.00 15.34
N GLU D 134 23.64 -30.96 14.98
CA GLU D 134 24.70 -30.39 15.83
C GLU D 134 24.15 -29.79 17.14
N VAL D 135 24.56 -30.44 18.23
CA VAL D 135 24.27 -30.08 19.61
C VAL D 135 24.39 -28.58 19.88
N GLU D 136 25.51 -28.00 19.47
CA GLU D 136 25.78 -26.59 19.68
C GLU D 136 24.76 -25.71 18.95
N THR D 137 24.46 -26.08 17.71
CA THR D 137 23.51 -25.32 16.89
C THR D 137 22.11 -25.38 17.47
N GLN D 138 21.77 -26.48 18.14
CA GLN D 138 20.55 -26.58 18.93
C GLN D 138 20.54 -25.56 20.06
N ARG D 139 21.68 -25.44 20.74
CA ARG D 139 21.81 -24.68 21.98
C ARG D 139 21.81 -23.18 21.75
N ASN D 140 22.70 -22.75 20.87
CA ASN D 140 22.92 -21.33 20.61
C ASN D 140 22.00 -20.75 19.54
N GLY D 141 21.61 -21.54 18.54
CA GLY D 141 20.64 -21.10 17.52
C GLY D 141 21.21 -20.77 16.15
N VAL D 142 20.56 -19.86 15.41
CA VAL D 142 20.98 -19.48 14.03
C VAL D 142 20.70 -18.03 13.62
N LYS D 143 21.56 -17.48 12.77
CA LYS D 143 21.36 -16.15 12.20
C LYS D 143 21.28 -16.22 10.67
N ALA D 144 20.24 -15.61 10.09
CA ALA D 144 20.12 -15.56 8.64
C ALA D 144 20.58 -14.22 8.06
N ILE D 145 21.16 -14.27 6.87
CA ILE D 145 21.51 -13.07 6.12
C ILE D 145 20.96 -13.22 4.72
N PHE D 146 20.16 -12.25 4.30
CA PHE D 146 19.59 -12.26 2.96
C PHE D 146 20.16 -11.14 2.09
N ASP D 147 21.16 -11.48 1.26
CA ASP D 147 21.76 -10.52 0.31
C ASP D 147 20.78 -10.26 -0.81
N LEU D 148 19.97 -9.24 -0.63
CA LEU D 148 18.83 -9.03 -1.50
C LEU D 148 19.19 -8.20 -2.75
N GLU D 149 20.49 -7.95 -2.95
CA GLU D 149 20.96 -7.35 -4.19
C GLU D 149 20.61 -8.25 -5.37
N GLY D 150 20.09 -7.63 -6.43
CA GLY D 150 19.66 -8.38 -7.60
C GLY D 150 18.19 -8.76 -7.53
N TRP D 151 17.52 -8.30 -6.47
CA TRP D 151 16.09 -8.53 -6.30
C TRP D 151 15.34 -8.07 -7.53
N GLN D 152 14.41 -8.90 -7.99
CA GLN D 152 13.58 -8.56 -9.12
C GLN D 152 12.12 -8.66 -8.73
N VAL D 153 11.27 -8.06 -9.56
CA VAL D 153 9.84 -8.15 -9.42
C VAL D 153 9.38 -9.61 -9.64
N SER D 154 10.14 -10.35 -10.44
CA SER D 154 9.83 -11.77 -10.67
C SER D 154 10.18 -12.69 -9.48
N HIS D 155 10.85 -12.13 -8.47
CA HIS D 155 11.09 -12.83 -7.20
C HIS D 155 9.93 -12.62 -6.24
N ALA D 156 9.49 -11.38 -6.09
CA ALA D 156 8.30 -11.04 -5.28
C ALA D 156 7.05 -11.72 -5.85
N PHE D 157 7.02 -11.83 -7.18
CA PHE D 157 6.07 -12.63 -7.95
C PHE D 157 5.87 -14.02 -7.37
N GLN D 158 6.96 -14.61 -6.89
CA GLN D 158 6.97 -15.99 -6.40
C GLN D 158 6.62 -16.07 -4.92
N ILE D 159 6.89 -14.99 -4.19
CA ILE D 159 6.52 -14.90 -2.78
C ILE D 159 5.02 -14.60 -2.63
N THR D 160 4.19 -15.59 -2.92
CA THR D 160 2.73 -15.47 -2.82
C THR D 160 2.27 -15.45 -1.36
N PRO D 161 1.03 -14.97 -1.09
CA PRO D 161 0.49 -15.10 0.27
C PRO D 161 0.49 -16.56 0.75
N SER D 162 0.17 -17.48 -0.16
CA SER D 162 0.23 -18.91 0.12
C SER D 162 1.64 -19.33 0.57
N VAL D 163 2.66 -18.70 0.01
CA VAL D 163 4.04 -18.93 0.44
C VAL D 163 4.40 -18.10 1.67
N ALA D 164 3.87 -16.88 1.77
CA ALA D 164 4.17 -15.98 2.88
C ALA D 164 3.76 -16.53 4.24
N LYS D 165 2.64 -17.24 4.28
CA LYS D 165 2.16 -17.86 5.52
C LYS D 165 3.00 -19.10 5.84
N LYS D 166 3.32 -19.87 4.80
CA LYS D 166 4.19 -21.04 4.93
C LYS D 166 5.59 -20.65 5.41
N ILE D 167 6.10 -19.52 4.91
CA ILE D 167 7.34 -18.90 5.42
C ILE D 167 7.18 -18.49 6.89
N ALA D 168 6.12 -17.75 7.20
CA ALA D 168 5.93 -17.20 8.53
C ALA D 168 5.72 -18.28 9.57
N ALA D 169 4.96 -19.31 9.20
CA ALA D 169 4.67 -20.43 10.11
C ALA D 169 5.94 -21.18 10.49
N VAL D 170 6.83 -21.37 9.50
CA VAL D 170 8.14 -21.97 9.72
C VAL D 170 8.94 -21.28 10.82
N LEU D 171 8.74 -19.98 10.95
CA LEU D 171 9.45 -19.21 11.95
C LEU D 171 8.59 -19.05 13.21
N THR D 172 7.30 -19.37 13.09
CA THR D 172 6.35 -19.22 14.19
C THR D 172 6.16 -20.51 14.97
N ASP D 173 7.12 -20.80 15.86
CA ASP D 173 7.05 -21.96 16.75
C ASP D 173 6.64 -23.25 16.01
N SER D 174 7.21 -23.47 14.83
CA SER D 174 6.91 -24.64 14.00
C SER D 174 8.16 -25.32 13.44
N PHE D 175 9.31 -24.99 14.00
CA PHE D 175 10.54 -25.70 13.71
C PHE D 175 11.50 -25.63 14.91
N PRO D 176 12.13 -26.78 15.26
CA PRO D 176 13.05 -26.87 16.41
C PRO D 176 14.41 -26.19 16.22
N LEU D 177 14.39 -24.91 15.81
CA LEU D 177 15.58 -24.10 15.75
C LEU D 177 15.33 -22.71 16.31
N LYS D 178 16.33 -22.20 17.03
CA LYS D 178 16.28 -20.87 17.61
C LYS D 178 16.68 -19.78 16.62
N VAL D 179 15.71 -18.97 16.20
CA VAL D 179 15.98 -17.78 15.40
C VAL D 179 16.58 -16.70 16.29
N ARG D 180 17.89 -16.50 16.17
CA ARG D 180 18.64 -15.58 17.03
C ARG D 180 19.05 -14.33 16.28
N GLY D 181 18.74 -14.29 14.99
CA GLY D 181 19.13 -13.16 14.15
C GLY D 181 18.69 -13.22 12.71
N ILE D 182 17.94 -12.19 12.30
CA ILE D 182 17.59 -12.02 10.90
C ILE D 182 18.24 -10.72 10.41
N HIS D 183 19.21 -10.87 9.51
CA HIS D 183 19.87 -9.72 8.93
C HIS D 183 19.53 -9.61 7.43
N LEU D 184 19.11 -8.41 7.04
CA LEU D 184 18.79 -8.10 5.65
C LEU D 184 19.69 -7.00 5.14
N ILE D 185 20.32 -7.26 4.00
CA ILE D 185 21.20 -6.28 3.37
C ILE D 185 20.76 -6.02 1.93
N ASN D 186 21.06 -4.81 1.46
CA ASN D 186 20.72 -4.40 0.09
C ASN D 186 19.24 -4.60 -0.23
N GLU D 187 18.41 -4.27 0.75
CA GLU D 187 16.96 -4.37 0.63
C GLU D 187 16.46 -3.31 -0.34
N PRO D 188 15.61 -3.71 -1.30
CA PRO D 188 14.91 -2.70 -2.09
C PRO D 188 13.95 -1.99 -1.15
N VAL D 189 14.17 -0.69 -0.94
CA VAL D 189 13.49 0.14 0.09
C VAL D 189 12.10 -0.36 0.51
N ILE D 190 11.34 -0.84 -0.47
CA ILE D 190 10.02 -1.48 -0.26
C ILE D 190 10.01 -2.57 0.84
N PHE D 191 11.18 -3.07 1.21
CA PHE D 191 11.31 -4.02 2.32
C PHE D 191 11.13 -3.36 3.69
N HIS D 192 11.47 -2.08 3.77
CA HIS D 192 11.19 -1.28 4.95
C HIS D 192 9.68 -1.02 5.06
N ALA D 193 9.03 -0.78 3.92
CA ALA D 193 7.59 -0.57 3.86
C ALA D 193 6.76 -1.78 4.32
N VAL D 194 7.22 -2.98 3.94
CA VAL D 194 6.57 -4.23 4.33
C VAL D 194 6.83 -4.51 5.81
N PHE D 195 8.02 -4.16 6.28
CA PHE D 195 8.37 -4.39 7.67
C PHE D 195 7.57 -3.51 8.63
N SER D 196 7.19 -2.31 8.18
CA SER D 196 6.37 -1.39 8.97
C SER D 196 5.07 -2.04 9.44
N MET D 197 4.46 -2.80 8.53
CA MET D 197 3.15 -3.40 8.77
C MET D 197 3.22 -4.70 9.58
N ILE D 198 4.38 -5.34 9.57
CA ILE D 198 4.57 -6.57 10.35
C ILE D 198 4.90 -6.27 11.83
N LYS D 199 5.34 -5.03 12.09
CA LYS D 199 5.75 -4.59 13.44
C LYS D 199 4.74 -4.88 14.57
N PRO D 200 3.51 -4.31 14.49
CA PRO D 200 2.52 -4.62 15.52
C PRO D 200 2.31 -6.14 15.72
N PHE D 201 2.23 -6.89 14.63
CA PHE D 201 2.03 -8.34 14.70
C PHE D 201 3.32 -9.11 15.06
N LEU D 202 4.23 -8.40 15.75
CA LEU D 202 5.49 -8.97 16.21
C LEU D 202 5.69 -8.76 17.71
N THR D 203 6.18 -9.80 18.37
CA THR D 203 6.62 -9.71 19.75
C THR D 203 7.88 -8.85 19.83
N GLU D 204 8.06 -8.20 20.98
CA GLU D 204 9.20 -7.32 21.22
C GLU D 204 10.54 -8.03 20.98
N LYS D 205 10.59 -9.32 21.31
CA LYS D 205 11.83 -10.09 21.30
C LYS D 205 12.58 -10.13 19.97
N ILE D 206 11.99 -10.81 18.99
CA ILE D 206 12.64 -11.01 17.68
C ILE D 206 12.74 -9.70 16.88
N LYS D 207 11.95 -8.70 17.29
CA LYS D 207 12.02 -7.37 16.71
C LYS D 207 13.43 -6.78 16.82
N ASP D 208 14.05 -6.95 17.99
CA ASP D 208 15.43 -6.53 18.19
C ASP D 208 16.41 -7.36 17.34
N ARG D 209 16.11 -8.65 17.19
CA ARG D 209 16.99 -9.56 16.46
C ARG D 209 16.89 -9.42 14.94
N ILE D 210 16.01 -8.53 14.48
CA ILE D 210 15.92 -8.18 13.05
C ILE D 210 16.69 -6.90 12.75
N HIS D 211 17.53 -6.95 11.71
CA HIS D 211 18.37 -5.84 11.36
C HIS D 211 18.27 -5.55 9.86
N LEU D 212 18.16 -4.26 9.53
CA LEU D 212 18.11 -3.78 8.16
C LEU D 212 19.27 -2.81 7.91
N HIS D 213 20.42 -3.37 7.54
CA HIS D 213 21.65 -2.58 7.44
C HIS D 213 21.69 -1.67 6.22
N GLY D 214 21.01 -2.09 5.16
CA GLY D 214 20.91 -1.31 3.94
C GLY D 214 22.11 -1.37 3.03
N ASN D 215 22.20 -0.37 2.17
CA ASN D 215 23.28 -0.21 1.19
C ASN D 215 24.62 -0.01 1.89
N ASN D 216 24.55 0.53 3.10
CA ASN D 216 25.72 0.75 3.96
C ASN D 216 25.71 -0.29 5.09
N TYR D 217 26.36 -1.43 4.83
CA TYR D 217 26.31 -2.57 5.74
C TYR D 217 27.67 -2.92 6.36
N LYS D 218 28.74 -2.73 5.58
CA LYS D 218 30.08 -3.22 5.94
C LYS D 218 30.46 -2.98 7.41
N SER D 219 30.19 -1.78 7.91
CA SER D 219 30.51 -1.41 9.29
C SER D 219 29.54 -2.03 10.32
N SER D 220 28.25 -1.96 10.03
CA SER D 220 27.22 -2.50 10.93
C SER D 220 27.27 -4.02 11.03
N MET D 221 27.66 -4.67 9.95
CA MET D 221 27.78 -6.13 9.92
C MET D 221 29.05 -6.59 10.65
N LEU D 222 30.16 -5.85 10.45
CA LEU D 222 31.45 -6.17 11.07
C LEU D 222 31.40 -6.29 12.60
N GLN D 223 30.55 -5.47 13.22
CA GLN D 223 30.40 -5.46 14.67
C GLN D 223 29.51 -6.61 15.15
N HIS D 224 28.83 -7.27 14.22
CA HIS D 224 28.04 -8.45 14.53
C HIS D 224 28.81 -9.74 14.28
N PHE D 225 29.55 -9.79 13.18
CA PHE D 225 30.27 -10.99 12.78
C PHE D 225 31.69 -10.69 12.30
N PRO D 226 32.57 -10.24 13.21
CA PRO D 226 33.96 -9.96 12.78
C PRO D 226 34.77 -11.23 12.64
N ASP D 227 35.90 -11.14 11.93
CA ASP D 227 36.84 -12.25 11.74
C ASP D 227 36.29 -13.45 10.95
N ILE D 228 34.96 -13.53 10.81
CA ILE D 228 34.31 -14.76 10.30
C ILE D 228 33.45 -14.58 9.04
N LEU D 229 33.35 -13.34 8.55
CA LEU D 229 32.65 -13.01 7.30
C LEU D 229 33.52 -13.26 6.07
N PRO D 230 32.90 -13.46 4.90
CA PRO D 230 33.64 -13.56 3.63
C PRO D 230 33.88 -12.19 2.99
N ARG D 231 34.97 -12.10 2.20
CA ARG D 231 35.47 -10.87 1.56
C ARG D 231 34.39 -9.92 1.05
N GLU D 232 33.33 -10.48 0.47
CA GLU D 232 32.23 -9.70 -0.09
C GLU D 232 31.57 -8.77 0.93
N TYR D 233 31.69 -9.12 2.21
CA TYR D 233 31.09 -8.32 3.27
C TYR D 233 32.10 -7.73 4.27
N GLY D 234 33.39 -7.74 3.91
CA GLY D 234 34.43 -7.11 4.75
C GLY D 234 35.27 -8.09 5.55
N GLY D 235 35.45 -9.29 5.01
CA GLY D 235 36.28 -10.32 5.64
C GLY D 235 37.70 -10.27 5.11
N LYS D 236 38.25 -11.44 4.77
CA LYS D 236 39.58 -11.56 4.14
C LYS D 236 39.95 -12.97 3.68
N GLU D 237 39.65 -13.96 4.53
CA GLU D 237 40.24 -15.31 4.42
C GLU D 237 39.70 -16.20 3.28
N PHE D 238 38.39 -16.18 3.08
CA PHE D 238 37.74 -16.93 2.01
C PHE D 238 36.70 -16.07 1.30
N SER D 239 35.95 -16.69 0.39
CA SER D 239 34.89 -15.99 -0.33
C SER D 239 33.59 -16.78 -0.35
N MET D 240 32.48 -16.10 -0.61
CA MET D 240 31.18 -16.74 -0.77
C MET D 240 31.31 -17.97 -1.66
N GLU D 241 32.13 -17.84 -2.69
CA GLU D 241 32.39 -18.92 -3.62
C GLU D 241 32.79 -20.20 -2.87
N ASP D 242 33.81 -20.09 -2.02
CA ASP D 242 34.32 -21.21 -1.25
C ASP D 242 33.25 -21.92 -0.43
N ILE D 243 32.62 -21.17 0.47
CA ILE D 243 31.64 -21.73 1.40
C ILE D 243 30.36 -22.26 0.73
N CYS D 244 30.10 -21.80 -0.50
CA CYS D 244 29.01 -22.34 -1.32
C CYS D 244 29.37 -23.70 -1.90
N GLN D 245 30.67 -23.91 -2.16
CA GLN D 245 31.17 -25.22 -2.59
C GLN D 245 31.20 -26.18 -1.41
N GLU D 246 31.74 -25.71 -0.29
CA GLU D 246 31.83 -26.53 0.93
C GLU D 246 30.43 -26.90 1.41
N TRP D 247 29.58 -25.90 1.58
CA TRP D 247 28.22 -26.18 2.03
C TRP D 247 27.43 -27.00 1.01
N THR D 248 27.77 -26.87 -0.27
CA THR D 248 27.23 -27.74 -1.32
C THR D 248 27.80 -29.16 -1.19
N ASN D 249 29.10 -29.26 -0.94
CA ASN D 249 29.75 -30.56 -0.71
C ASN D 249 29.13 -31.28 0.47
N PHE D 250 28.81 -30.52 1.51
CA PHE D 250 28.20 -31.09 2.71
C PHE D 250 26.77 -31.64 2.47
N ILE D 251 25.88 -30.81 1.92
CA ILE D 251 24.50 -31.26 1.63
C ILE D 251 24.47 -32.48 0.70
N MET D 252 25.39 -32.52 -0.26
CA MET D 252 25.51 -33.65 -1.17
C MET D 252 26.07 -34.91 -0.52
N LYS D 253 26.98 -34.76 0.45
CA LYS D 253 27.51 -35.94 1.14
C LYS D 253 26.49 -36.48 2.15
N SER D 254 25.45 -35.69 2.41
CA SER D 254 24.39 -36.09 3.33
C SER D 254 23.20 -36.73 2.62
N GLU D 255 23.20 -36.70 1.28
CA GLU D 255 22.04 -37.13 0.48
C GLU D 255 21.44 -38.46 0.90
N ASP D 256 22.27 -39.33 1.47
CA ASP D 256 21.83 -40.61 2.02
C ASP D 256 20.94 -40.41 3.25
N TYR D 257 21.43 -39.66 4.22
CA TYR D 257 20.66 -39.39 5.44
C TYR D 257 19.40 -38.58 5.16
N LEU D 258 19.51 -37.62 4.24
CA LEU D 258 18.35 -36.81 3.82
C LEU D 258 17.25 -37.70 3.20
N SER D 259 17.63 -38.69 2.41
CA SER D 259 16.69 -39.68 1.88
C SER D 259 15.94 -40.47 2.97
N SER D 260 16.66 -40.90 4.01
CA SER D 260 16.07 -41.70 5.10
C SER D 260 14.97 -40.97 5.85
N ILE D 261 15.09 -39.65 5.90
CA ILE D 261 14.12 -38.80 6.60
C ILE D 261 13.10 -38.14 5.65
N SER D 262 12.97 -38.69 4.44
CA SER D 262 11.96 -38.29 3.47
C SER D 262 10.86 -39.35 3.35
N GLU D 263 9.90 -39.14 2.45
CA GLU D 263 8.76 -40.05 2.28
C GLU D 263 8.56 -40.49 0.83
O1 VIV E . -5.07 2.07 -24.96
O2 VIV E . -8.65 5.47 -27.46
C1 VIV E . -5.63 -1.37 -15.97
C2 VIV E . -8.17 3.90 -25.68
C3 VIV E . -7.29 3.03 -25.03
C4 VIV E . -5.99 2.91 -25.54
C5 VIV E . -5.60 3.62 -26.68
C6 VIV E . -6.50 4.48 -27.33
C7 VIV E . -7.78 4.62 -26.82
C8 VIV E . -9.58 4.08 -25.16
C9 VIV E . -5.19 1.77 -23.54
C10 VIV E . -7.69 2.24 -23.78
C11 VIV E . -6.62 1.26 -23.28
C12 VIV E . -4.16 3.42 -27.18
C13 VIV E . -6.11 5.29 -28.57
C14 VIV E . -4.89 3.03 -22.70
C15 VIV E . -4.17 0.64 -23.25
C16 VIV E . -4.32 -0.03 -21.87
C17 VIV E . -3.48 -1.30 -21.78
C18 VIV E . -3.41 -1.82 -20.34
C19 VIV E . -2.01 -2.36 -20.10
C20 VIV E . -4.59 -2.83 -20.09
C21 VIV E . -4.61 -3.56 -18.88
C22 VIV E . -5.24 -3.20 -17.69
C23 VIV E . -5.92 -1.83 -17.40
C24 VIV E . -7.43 -1.88 -17.61
C25 VIV E . -8.11 -0.55 -17.23
C26 VIV E . -7.93 0.54 -18.32
C27 VIV E . -8.47 1.93 -17.96
C28 VIV E . -7.96 2.93 -19.01
C29 VIV E . -8.05 2.38 -16.56
O0H 3PT F . -8.71 9.66 -20.06
C0G 3PT F . -7.37 10.12 -19.70
C0I 3PT F . -6.72 9.47 -18.42
C0J 3PT F . -7.58 8.36 -17.76
C0K 3PT F . -6.75 7.55 -16.76
O0D 3PT F . -7.52 11.55 -19.59
C0C 3PT F . -6.55 12.26 -20.33
C0E 3PT F . -5.49 12.83 -19.40
O0F 3PT F . -5.93 13.31 -18.10
C0L 3PT F . -4.84 13.29 -17.27
C0N 3PT F . -4.56 12.07 -16.35
C0P 3PT F . -3.15 12.03 -15.73
C0Q 3PT F . -3.03 10.92 -14.65
O0M 3PT F . -4.10 14.27 -17.28
C0B 3PT F . -7.24 13.49 -20.82
OP1 3PT F . -8.00 13.23 -21.95
P1 3PT F . -8.52 14.45 -22.93
OP3 3PT F . -7.59 14.39 -24.32
OP2 3PT F . -8.55 15.75 -22.22
O1 3PT F . -9.98 13.99 -23.34
C1 3PT F . -10.46 14.52 -24.55
C2 3PT F . -11.34 15.69 -24.15
O2 3PT F . -12.25 15.30 -23.10
C3 3PT F . -12.12 16.19 -25.35
O3 3PT F . -12.97 17.27 -24.97
P3 3PT F . -12.46 18.81 -25.15
O12 3PT F . -11.58 18.89 -26.52
O10 3PT F . -11.34 18.98 -23.98
O11 3PT F . -13.60 19.73 -25.10
C4 3PT F . -12.97 15.08 -25.92
O4 3PT F . -13.65 15.63 -27.01
P4 3PT F . -15.11 15.19 -27.43
OP4 3PT F . -16.08 15.93 -26.41
OP6 3PT F . -15.23 13.67 -27.07
OP5 3PT F . -15.37 15.41 -28.86
C5 3PT F . -12.08 13.95 -26.43
O5 3PT F . -12.92 12.93 -26.95
C6 3PT F . -11.19 13.39 -25.30
O6 3PT F . -10.22 12.50 -25.83
O1 VIV G . 5.05 25.03 -1.85
O2 VIV G . 9.08 27.13 -4.97
C1 VIV G . 4.19 16.15 2.13
C2 VIV G . 8.33 25.47 -3.46
C3 VIV G . 7.33 24.90 -2.66
C4 VIV G . 6.07 25.52 -2.62
C5 VIV G . 5.83 26.69 -3.36
C6 VIV G . 6.83 27.23 -4.16
C7 VIV G . 8.08 26.63 -4.20
C8 VIV G . 9.72 24.83 -3.54
C9 VIV G . 5.07 23.62 -1.53
C10 VIV G . 7.62 23.63 -1.84
C11 VIV G . 6.43 23.24 -0.95
C12 VIV G . 4.44 27.36 -3.29
C13 VIV G . 6.55 28.51 -4.97
C14 VIV G . 4.74 22.74 -2.76
C15 VIV G . 3.99 23.50 -0.46
C16 VIV G . 3.93 22.10 0.19
C17 VIV G . 2.88 22.14 1.28
C18 VIV G . 2.66 20.81 1.94
C19 VIV G . 1.27 20.85 2.52
C20 VIV G . 3.78 20.59 2.99
C21 VIV G . 3.60 19.50 3.86
C22 VIV G . 3.96 18.18 3.57
C23 VIV G . 4.56 17.64 2.26
C24 VIV G . 6.07 17.81 2.22
C25 VIV G . 6.73 17.17 1.00
C26 VIV G . 6.46 17.95 -0.29
C27 VIV G . 7.70 18.06 -1.18
C28 VIV G . 7.53 19.17 -2.20
C29 VIV G . 8.06 16.73 -1.84
O0H 3PT H . 8.97 20.50 -8.58
C0G 3PT H . 7.92 19.85 -9.39
C0I 3PT H . 7.44 18.51 -8.69
C0J 3PT H . 8.52 17.88 -7.78
C0K 3PT H . 7.94 16.75 -6.92
O0D 3PT H . 8.31 19.75 -10.83
C0C 3PT H . 7.24 19.91 -11.81
C0E 3PT H . 6.73 18.57 -12.33
O0F 3PT H . 5.71 18.05 -11.42
C0L 3PT H . 5.08 16.96 -11.95
C0N 3PT H . 4.40 15.96 -10.97
C0P 3PT H . 3.32 15.05 -11.60
C0Q 3PT H . 2.57 14.21 -10.55
O0M 3PT H . 5.05 16.81 -13.18
C0B 3PT H . 7.69 20.64 -13.11
OP1 3PT H . 9.02 21.19 -13.07
P1 3PT H . 9.46 22.54 -13.98
OP3 3PT H . 8.54 23.92 -13.64
OP2 3PT H . 9.46 22.30 -15.44
O1 3PT H . 10.94 22.77 -13.41
C1 3PT H . 11.70 23.88 -13.83
C2 3PT H . 12.66 23.37 -14.91
O2 3PT H . 13.46 22.26 -14.45
C3 3PT H . 13.57 24.50 -15.32
O3 3PT H . 14.48 24.01 -16.30
P3 3PT H . 14.08 23.92 -17.86
O12 3PT H . 14.18 25.44 -18.40
O10 3PT H . 12.50 23.61 -17.99
O11 3PT H . 14.93 22.91 -18.55
C4 3PT H . 14.37 24.95 -14.11
O4 3PT H . 15.17 26.01 -14.58
P4 3PT H . 16.68 26.24 -14.13
OP4 3PT H . 17.52 24.94 -14.57
OP6 3PT H . 16.58 26.29 -12.55
OP5 3PT H . 17.19 27.51 -14.62
C5 3PT H . 13.45 25.50 -13.04
O5 3PT H . 14.22 25.77 -11.91
C6 3PT H . 12.40 24.48 -12.62
O6 3PT H . 11.44 25.16 -11.81
O1 VIV I . -14.51 -5.89 20.98
O2 VIV I . -15.68 -11.19 21.27
C1 VIV I . -12.40 -0.72 13.93
C2 VIV I . -15.76 -9.15 20.07
C3 VIV I . -15.47 -7.79 19.99
C4 VIV I . -14.81 -7.20 21.05
C5 VIV I . -14.47 -7.91 22.20
C6 VIV I . -14.77 -9.28 22.27
C7 VIV I . -15.41 -9.88 21.20
C8 VIV I . -16.48 -9.83 18.89
C9 VIV I . -14.10 -5.36 19.68
C10 VIV I . -15.84 -6.95 18.74
C11 VIV I . -15.30 -5.53 18.77
C12 VIV I . -13.77 -7.16 23.35
C13 VIV I . -14.40 -10.12 23.50
C14 VIV I . -12.84 -6.01 19.08
C15 VIV I . -13.84 -3.88 19.97
C16 VIV I . -14.00 -2.92 18.78
C17 VIV I . -13.50 -1.58 19.30
C18 VIV I . -13.37 -0.48 18.25
C19 VIV I . -12.89 0.77 19.00
C20 VIV I . -14.70 -0.26 17.47
C21 VIV I . -14.59 0.75 16.51
C22 VIV I . -14.19 0.56 15.19
C23 VIV I . -13.81 -0.78 14.59
C24 VIV I . -14.91 -1.19 13.59
C25 VIV I . -14.66 -2.58 12.95
C26 VIV I . -13.86 -3.58 13.82
C27 VIV I . -14.04 -5.05 13.39
C28 VIV I . -13.75 -5.97 14.58
C29 VIV I . -13.17 -5.43 12.18
O0H 3PT J . -11.30 -12.62 14.36
C0G 3PT J . -9.90 -12.37 14.09
C0I 3PT J . -9.77 -11.46 12.84
C0J 3PT J . -9.34 -10.03 13.20
C0K 3PT J . -8.12 -9.58 12.39
O0D 3PT J . -9.25 -13.67 13.90
C0C 3PT J . -7.87 -13.73 14.36
C0E 3PT J . -6.86 -13.91 13.22
O0F 3PT J . -6.07 -12.70 13.09
C0L 3PT J . -4.72 -12.83 13.34
C0N 3PT J . -3.88 -11.54 13.38
C0P 3PT J . -2.56 -11.73 14.16
C0Q 3PT J . -2.68 -11.22 15.60
O0M 3PT J . -4.21 -13.94 13.51
C0B 3PT J . -7.68 -14.90 15.34
OP1 3PT J . -8.29 -16.12 14.84
P1 3PT J . -8.38 -17.44 15.80
OP3 3PT J . -8.37 -16.89 17.35
OP2 3PT J . -7.28 -18.42 15.59
O1 3PT J . -9.87 -18.03 15.63
C1 3PT J . -10.39 -18.91 16.64
C2 3PT J . -10.32 -20.36 16.10
O2 3PT J . -10.61 -20.40 14.68
C3 3PT J . -11.22 -21.36 16.84
O3 3PT J . -11.23 -22.61 16.12
P3 3PT J . -9.94 -23.63 16.12
O12 3PT J . -10.62 -25.08 16.13
O10 3PT J . -9.24 -23.46 17.56
O11 3PT J . -9.01 -23.42 14.99
C4 3PT J . -12.64 -20.79 17.00
O4 3PT J . -13.53 -21.73 17.63
P4 3PT J . -14.91 -22.17 16.89
OP4 3PT J . -14.41 -23.00 15.58
OP6 3PT J . -15.62 -20.83 16.35
OP5 3PT J . -15.84 -22.91 17.78
C5 3PT J . -12.64 -19.46 17.79
O5 3PT J . -13.96 -18.94 17.93
C6 3PT J . -11.80 -18.40 17.08
O6 3PT J . -11.67 -17.26 17.95
O1 VIV K . 13.50 -20.71 6.01
O2 VIV K . 15.26 -21.29 11.22
C1 VIV K . 11.23 -13.21 0.85
C2 VIV K . 15.06 -19.92 9.25
C3 VIV K . 14.62 -19.74 7.93
C4 VIV K . 13.95 -20.80 7.30
C5 VIV K . 13.75 -22.01 7.99
C6 VIV K . 14.20 -22.16 9.29
C7 VIV K . 14.84 -21.12 9.93
C8 VIV K . 15.78 -18.77 9.97
C9 VIV K . 13.32 -19.41 5.39
C10 VIV K . 14.86 -18.41 7.19
C11 VIV K . 14.50 -18.49 5.70
C12 VIV K . 13.04 -23.18 7.29
C13 VIV K . 13.97 -23.46 10.06
C14 VIV K . 11.99 -18.80 5.89
C15 VIV K . 13.29 -19.65 3.85
C16 VIV K . 12.59 -18.55 3.04
C17 VIV K . 12.21 -19.05 1.63
C18 VIV K . 12.11 -17.93 0.58
C19 VIV K . 11.79 -18.53 -0.79
C20 VIV K . 13.40 -17.06 0.60
C21 VIV K . 13.40 -15.97 -0.30
C22 VIV K . 13.00 -14.65 -0.02
C23 VIV K . 12.32 -14.20 1.28
C24 VIV K . 13.31 -13.59 2.28
C25 VIV K . 12.58 -12.98 3.50
C26 VIV K . 12.64 -13.84 4.77
C27 VIV K . 13.64 -13.29 5.83
C28 VIV K . 13.82 -14.25 7.01
C29 VIV K . 13.25 -11.91 6.36
O0H 3PT L . 11.49 -15.11 13.72
C0G 3PT L . 10.21 -14.52 13.47
C0I 3PT L . 10.39 -13.21 12.68
C0J 3PT L . 10.39 -13.46 11.16
C0K 3PT L . 9.49 -12.46 10.42
O0D 3PT L . 9.56 -14.24 14.75
C0C 3PT L . 8.22 -14.82 14.92
C0E 3PT L . 7.14 -14.10 14.08
O0F 3PT L . 6.02 -14.96 13.77
C0L 3PT L . 4.83 -14.30 13.65
C0N 3PT L . 4.01 -14.46 12.35
C0P 3PT L . 2.64 -15.10 12.61
C0Q 3PT L . 1.86 -15.31 11.31
O0M 3PT L . 4.41 -13.62 14.58
C0B 3PT L . 7.72 -14.80 16.39
OP1 3PT L . 8.77 -15.02 17.35
P1 3PT L . 9.01 -16.50 18.02
OP3 3PT L . 9.48 -17.44 16.79
OP2 3PT L . 7.78 -17.02 18.67
O1 3PT L . 10.29 -16.41 19.02
C1 3PT L . 10.84 -17.53 19.74
C2 3PT L . 10.97 -17.13 21.25
O2 3PT L . 11.13 -15.71 21.39
C3 3PT L . 12.08 -17.84 22.07
O3 3PT L . 12.37 -17.07 23.27
P3 3PT L . 11.44 -17.04 24.62
O12 3PT L . 11.01 -18.58 24.92
O10 3PT L . 10.07 -16.25 24.24
O11 3PT L . 12.14 -16.42 25.76
C4 3PT L . 13.39 -18.02 21.26
O4 3PT L . 14.38 -18.69 22.06
P4 3PT L . 15.80 -17.98 22.48
OP4 3PT L . 15.41 -16.56 23.13
OP6 3PT L . 16.51 -17.63 21.08
OP5 3PT L . 16.66 -18.80 23.37
C5 3PT L . 13.11 -18.78 19.97
O5 3PT L . 14.33 -19.00 19.25
C6 3PT L . 12.15 -17.99 19.04
O6 3PT L . 11.86 -18.81 17.91
#